data_7TS0
#
_entry.id   7TS0
#
_cell.length_a   1.00
_cell.length_b   1.00
_cell.length_c   1.00
_cell.angle_alpha   90.00
_cell.angle_beta   90.00
_cell.angle_gamma   90.00
#
_symmetry.space_group_name_H-M   'P 1'
#
loop_
_entity.id
_entity.type
_entity.pdbx_description
1 polymer 'Corticotropin-releasing factor receptor 2,Corticotropin-releasing factor receptor 2,Corticotropin-releasing factor receptor 2,Corticotropin-releasing factor receptor 2,Human corticotropin releasing factor receptor 2'
2 polymer Urocortin
3 polymer 'Dominant negative Go alpha subunit'
4 polymer 'Guanine nucleotide-binding protein G(I)/G(S)/G(T) subunit beta-1'
5 polymer 'G protein gamma subunit'
6 polymer scFV16
#
loop_
_entity_poly.entity_id
_entity_poly.type
_entity_poly.pdbx_seq_one_letter_code
_entity_poly.pdbx_strand_id
1 'polypeptide(L)'
;DAALLHSLLEANCSLALAEELLLDGWGPPLDPEGPYSYCNTTLDQIGTCWPRSAAGALVERPCPEYFNGVKYNTTRNAYR
ECLENGTWASKINYSQCEPILDDKQRKYDLHYRIALVVNYLGHCVSVAALVAAFLLFLALRSIRCLRNVIHWNLITTFIL
RNVMWFLLQLVDHEVHESNEVWCRCITTIFNYFVVTNFFWMFVEGCYLHTAIVMTYSTERLRKCLFLFIGWCIPFPIIVA
WAIGKLYYENEQCWFGKEPGDLVDYIYQGPIILVLLINFVFLFNIVRILMTKLRASTTSETIQYRKAVKATLVLLPLLGI
TYMLFFVNPGEDDLSQIMFIYFNSFLQSFQGFFVSVFYCFFNGEVRSAVRKRWHRWQDHHSLRVPMAGSSGGGGSGGGGS
SGVFTLEDFVGDWEQTAAYNLDQVLEQGGVSSLLQNLAVSVTPIQRIVRSGENALKIDIHVIIPYEGLSADQMAQIEEVF
KVVYPVDDHHFKVILPYGTLVIDGVTPNMLNYFGRPYEGIAVFDGKKITVTGTLWNGNKIIDERLITPDGSMLFRVTINS
;
P
2 'polypeptide(L)' DNPSLSIDLTFHLLRTLLELARTQSQRERAEQNRIIFDSV U
3 'polypeptide(L)'
;MGCTLSAEDKAAVERSKMIDRNLREDGEKAAKDVKLLLLGAGESGKSTIVKQMKIIHEAGYSEEECKQYKAVVYSNTIQS
IIAIIRAMGRLKIDFGDSARADDARQLFVLAGAAEEGFMTAELAGVIKRLWKDSGVQACFNRSREYQLNDSAAYYLNDLD
RIAQPNYIPTQQDVLRTRVKTTGIVETHFTFKNLHFRLFDVGAQRDERRKWIHCFEDVTAIIFCVALSGYDQVLHEDETT
NRMQESLNLFKSICNNKFFIDTSIILFLNKKDLFGEKIKKSPLTICFPEYTGPNTYEDAAAYIQAQFESKNRSPNKEIYC
HMTCSTDTNNIQVVFDAVTDIIIANNLRGCGLY
;
A
4 'polypeptide(L)'
;MHHHHHHSSGLVPRGSHMASHHHHHHHHHHGSLLQSELDQLRQEAEQLKNQIRDARKACADATLSQITNNIDPVGRIQMR
TRRTLRGHLAKIYAMHWGTDSRLLVSASQDGKLIIWDSYTTNKVHAIPLRSSWVMTCAYAPSGNYVACGGLDNICSIYNL
KTREGNVRVSRELAGHTGYLSCCRFLDDNQIVTSSGDTTCALWDIETGQQTTTFTGHTGDVMSLSLAPDTRLFVSGACDA
SAKLWDVREGMCRQTFTGHESDINAICFFPNGNAFATGSDDATCRLFDLRADQELMTYSHDNIICGITSVSFSKSGRLLL
AGYDDFNCNVWDALKADRAGVLAGHDNRVSCLGVTDDGMAVATGSWDSFLKIWNGSSGGGGSGGGGSSGVSGWRLFKKIS
;
B
5 'polypeptide(L)' MASNNTASIAQARKLVEQLKMEANIDRIKVSKAAADLMAYCEAHAKEDPLLTPVPASENPFREKKFFCAIL G
6 'polypeptide(L)'
;VQLVESGGGLVQPGGSRKLSCSASGFAFSSFGMHWVRQAPEKGLEWVAYISSGSGTIYYADTVKGRFTISRDDPKNTLFL
QMTSLRSEDTAMYYCVRSIYYYGSSPFDFWGQGTTLTVSAGGGGSGGGGSGGGGSADIVMTQATSSVPVTPGESVSISCR
SSKSLLHSNGNTYLYWFLQRPGQSPQLLIYRMSNLASGVPDRFSGSGSGTAFTLTISRLEAEDVGVYYCMQHLEYPLTFG
AGTKLEL
;
H
#
# COMPACT_ATOMS: atom_id res chain seq x y z
N CYS A 63 -44.24 -18.07 -70.93
CA CYS A 63 -43.02 -18.35 -70.18
C CYS A 63 -43.33 -18.74 -68.73
N PRO A 64 -42.54 -19.64 -68.16
CA PRO A 64 -42.65 -19.91 -66.73
C PRO A 64 -42.17 -18.73 -65.89
N GLU A 65 -42.75 -18.60 -64.70
CA GLU A 65 -42.45 -17.46 -63.84
C GLU A 65 -41.18 -17.70 -63.03
N TYR A 66 -41.08 -18.89 -62.41
CA TYR A 66 -39.93 -19.26 -61.59
C TYR A 66 -39.36 -20.55 -62.16
N PHE A 67 -38.24 -20.45 -62.87
CA PHE A 67 -37.64 -21.58 -63.57
C PHE A 67 -36.15 -21.62 -63.24
N ASN A 68 -35.77 -22.63 -62.45
CA ASN A 68 -34.40 -22.86 -61.97
C ASN A 68 -33.83 -21.63 -61.27
N GLY A 69 -34.60 -21.11 -60.31
CA GLY A 69 -34.25 -19.96 -59.49
C GLY A 69 -33.80 -18.69 -60.19
N VAL A 70 -34.28 -18.47 -61.42
CA VAL A 70 -34.04 -17.25 -62.17
C VAL A 70 -35.38 -16.63 -62.51
N LYS A 71 -35.54 -15.35 -62.18
CA LYS A 71 -36.79 -14.64 -62.45
C LYS A 71 -36.89 -14.27 -63.91
N TYR A 72 -38.08 -14.44 -64.48
CA TYR A 72 -38.33 -14.13 -65.88
C TYR A 72 -39.51 -13.19 -66.03
N CYS A 97 -38.74 -16.20 -74.24
CA CYS A 97 -38.47 -16.11 -72.81
C CYS A 97 -37.10 -15.48 -72.56
N GLU A 98 -37.04 -14.15 -72.62
CA GLU A 98 -35.78 -13.45 -72.42
C GLU A 98 -35.48 -13.30 -70.94
N PRO A 99 -34.29 -13.67 -70.48
CA PRO A 99 -33.96 -13.52 -69.05
C PRO A 99 -33.73 -12.06 -68.67
N ILE A 100 -34.35 -11.64 -67.58
CA ILE A 100 -34.13 -10.31 -67.03
C ILE A 100 -33.04 -10.41 -65.96
N LEU A 101 -31.94 -9.68 -66.15
CA LEU A 101 -30.79 -9.77 -65.28
C LEU A 101 -30.33 -8.38 -64.87
N ASP A 102 -29.99 -8.22 -63.60
CA ASP A 102 -29.53 -6.97 -63.02
C ASP A 102 -28.07 -6.64 -63.38
N ASP A 103 -27.40 -7.49 -64.17
CA ASP A 103 -25.99 -7.32 -64.50
C ASP A 103 -25.70 -6.04 -65.28
N LYS A 104 -26.69 -5.48 -65.97
CA LYS A 104 -26.47 -4.24 -66.72
C LYS A 104 -26.26 -3.06 -65.76
N GLN A 105 -27.05 -3.00 -64.69
CA GLN A 105 -26.97 -1.90 -63.72
C GLN A 105 -25.95 -2.28 -62.63
N ARG A 106 -24.68 -2.29 -63.05
CA ARG A 106 -23.59 -2.74 -62.19
C ARG A 106 -22.48 -1.69 -62.22
N LYS A 107 -21.71 -1.62 -61.13
CA LYS A 107 -20.61 -0.69 -60.97
C LYS A 107 -19.29 -1.44 -60.86
N TYR A 108 -18.21 -0.66 -60.76
CA TYR A 108 -16.84 -1.15 -60.59
C TYR A 108 -16.71 -2.11 -59.40
N ASP A 109 -16.23 -3.32 -59.69
CA ASP A 109 -16.16 -4.38 -58.70
C ASP A 109 -14.77 -4.61 -58.12
N LEU A 110 -13.70 -4.33 -58.88
CA LEU A 110 -12.35 -4.67 -58.45
C LEU A 110 -11.86 -3.80 -57.29
N HIS A 111 -12.40 -2.59 -57.16
CA HIS A 111 -12.00 -1.70 -56.07
C HIS A 111 -12.50 -2.23 -54.73
N TYR A 112 -13.72 -2.77 -54.71
CA TYR A 112 -14.24 -3.46 -53.52
C TYR A 112 -13.37 -4.65 -53.14
N ARG A 113 -12.92 -5.43 -54.12
CA ARG A 113 -12.06 -6.58 -53.82
C ARG A 113 -10.71 -6.15 -53.25
N ILE A 114 -10.14 -5.06 -53.78
CA ILE A 114 -8.85 -4.60 -53.24
C ILE A 114 -9.04 -4.00 -51.86
N ALA A 115 -10.20 -3.36 -51.62
CA ALA A 115 -10.56 -2.92 -50.27
C ALA A 115 -10.71 -4.11 -49.33
N LEU A 116 -11.27 -5.21 -49.82
CA LEU A 116 -11.37 -6.43 -49.03
C LEU A 116 -9.99 -6.98 -48.67
N VAL A 117 -9.03 -6.89 -49.60
CA VAL A 117 -7.69 -7.41 -49.32
C VAL A 117 -6.98 -6.53 -48.29
N VAL A 118 -7.14 -5.21 -48.41
CA VAL A 118 -6.57 -4.28 -47.44
C VAL A 118 -7.26 -4.43 -46.08
N ASN A 119 -8.57 -4.70 -46.08
CA ASN A 119 -9.34 -4.88 -44.85
C ASN A 119 -8.91 -6.14 -44.10
N TYR A 120 -8.77 -7.26 -44.82
CA TYR A 120 -8.26 -8.49 -44.21
C TYR A 120 -6.84 -8.32 -43.69
N LEU A 121 -5.98 -7.61 -44.43
CA LEU A 121 -4.60 -7.45 -43.98
C LEU A 121 -4.53 -6.55 -42.75
N GLY A 122 -5.37 -5.51 -42.72
CA GLY A 122 -5.45 -4.65 -41.56
C GLY A 122 -5.93 -5.37 -40.32
N HIS A 123 -7.00 -6.16 -40.45
CA HIS A 123 -7.48 -6.94 -39.31
C HIS A 123 -6.47 -7.98 -38.84
N CYS A 124 -5.75 -8.64 -39.77
CA CYS A 124 -4.80 -9.66 -39.35
C CYS A 124 -3.60 -9.06 -38.63
N VAL A 125 -3.07 -7.93 -39.12
CA VAL A 125 -1.94 -7.29 -38.43
C VAL A 125 -2.42 -6.64 -37.14
N SER A 126 -3.68 -6.19 -37.10
CA SER A 126 -4.28 -5.67 -35.88
C SER A 126 -4.37 -6.73 -34.79
N VAL A 127 -4.89 -7.92 -35.14
CA VAL A 127 -4.96 -9.04 -34.20
C VAL A 127 -3.56 -9.46 -33.76
N ALA A 128 -2.59 -9.44 -34.69
CA ALA A 128 -1.22 -9.82 -34.36
C ALA A 128 -0.58 -8.85 -33.37
N ALA A 129 -0.99 -7.58 -33.38
CA ALA A 129 -0.50 -6.65 -32.35
C ALA A 129 -1.32 -6.74 -31.06
N LEU A 130 -2.63 -6.91 -31.19
CA LEU A 130 -3.53 -6.88 -30.04
C LEU A 130 -3.34 -8.08 -29.12
N VAL A 131 -3.06 -9.26 -29.67
CA VAL A 131 -2.81 -10.44 -28.83
C VAL A 131 -1.54 -10.25 -28.00
N ALA A 132 -0.52 -9.63 -28.60
CA ALA A 132 0.71 -9.34 -27.86
C ALA A 132 0.49 -8.29 -26.80
N ALA A 133 -0.35 -7.28 -27.08
CA ALA A 133 -0.68 -6.29 -26.06
C ALA A 133 -1.53 -6.90 -24.95
N PHE A 134 -2.41 -7.85 -25.29
CA PHE A 134 -3.23 -8.56 -24.31
C PHE A 134 -2.35 -9.39 -23.38
N LEU A 135 -1.30 -10.00 -23.92
CA LEU A 135 -0.38 -10.77 -23.09
C LEU A 135 0.51 -9.87 -22.24
N LEU A 136 0.94 -8.73 -22.79
CA LEU A 136 1.83 -7.84 -22.05
C LEU A 136 1.10 -6.93 -21.08
N PHE A 137 -0.23 -6.91 -21.09
CA PHE A 137 -0.99 -6.24 -20.05
C PHE A 137 -1.56 -7.21 -19.02
N LEU A 138 -1.25 -8.49 -19.12
CA LEU A 138 -1.57 -9.46 -18.09
C LEU A 138 -0.34 -10.08 -17.43
N ALA A 139 0.78 -10.20 -18.17
CA ALA A 139 1.98 -10.77 -17.58
C ALA A 139 2.65 -9.80 -16.61
N LEU A 140 2.43 -8.50 -16.78
CA LEU A 140 3.06 -7.47 -15.96
C LEU A 140 2.06 -7.01 -14.90
N ARG A 141 2.30 -7.41 -13.66
CA ARG A 141 1.43 -7.05 -12.54
C ARG A 141 1.90 -5.79 -11.82
N SER A 142 3.03 -5.20 -12.24
CA SER A 142 3.53 -3.99 -11.60
C SER A 142 2.61 -2.80 -11.84
N ILE A 143 1.94 -2.75 -12.98
CA ILE A 143 1.06 -1.64 -13.34
C ILE A 143 -0.39 -2.10 -13.20
N ARG A 144 -1.14 -1.43 -12.31
CA ARG A 144 -2.52 -1.80 -12.03
C ARG A 144 -3.44 -0.60 -11.91
N CYS A 145 -3.01 0.58 -12.38
CA CYS A 145 -3.85 1.77 -12.34
C CYS A 145 -5.00 1.65 -13.33
N LEU A 146 -6.00 2.53 -13.14
CA LEU A 146 -7.25 2.47 -13.92
C LEU A 146 -7.01 2.75 -15.40
N ARG A 147 -5.97 3.53 -15.73
CA ARG A 147 -5.57 3.79 -17.11
C ARG A 147 -5.28 2.49 -17.87
N ASN A 148 -4.44 1.64 -17.30
CA ASN A 148 -4.12 0.37 -17.95
C ASN A 148 -5.29 -0.60 -17.93
N VAL A 149 -6.19 -0.49 -16.95
CA VAL A 149 -7.37 -1.33 -16.93
C VAL A 149 -8.33 -0.97 -18.07
N ILE A 150 -8.50 0.32 -18.33
CA ILE A 150 -9.37 0.74 -19.43
C ILE A 150 -8.72 0.44 -20.78
N HIS A 151 -7.38 0.60 -20.85
CA HIS A 151 -6.64 0.18 -22.04
C HIS A 151 -6.79 -1.32 -22.31
N TRP A 152 -6.67 -2.14 -21.27
CA TRP A 152 -6.78 -3.59 -21.41
C TRP A 152 -8.19 -3.99 -21.83
N ASN A 153 -9.21 -3.29 -21.31
CA ASN A 153 -10.59 -3.60 -21.69
C ASN A 153 -10.87 -3.16 -23.12
N LEU A 154 -10.27 -2.05 -23.56
CA LEU A 154 -10.42 -1.60 -24.93
C LEU A 154 -9.76 -2.57 -25.91
N ILE A 155 -8.55 -3.02 -25.58
CA ILE A 155 -7.85 -4.05 -26.36
C ILE A 155 -8.67 -5.34 -26.43
N THR A 156 -9.27 -5.74 -25.30
CA THR A 156 -10.13 -6.93 -25.27
C THR A 156 -11.34 -6.78 -26.19
N THR A 157 -11.97 -5.59 -26.20
CA THR A 157 -13.13 -5.38 -27.06
C THR A 157 -12.73 -5.35 -28.53
N PHE A 158 -11.56 -4.79 -28.86
CA PHE A 158 -11.05 -4.86 -30.23
C PHE A 158 -10.76 -6.29 -30.66
N ILE A 159 -10.19 -7.11 -29.77
CA ILE A 159 -9.92 -8.52 -30.08
C ILE A 159 -11.22 -9.27 -30.35
N LEU A 160 -12.21 -9.09 -29.47
CA LEU A 160 -13.45 -9.84 -29.61
C LEU A 160 -14.27 -9.38 -30.82
N ARG A 161 -14.20 -8.08 -31.17
CA ARG A 161 -14.92 -7.67 -32.38
C ARG A 161 -14.18 -8.05 -33.64
N ASN A 162 -12.85 -8.24 -33.58
CA ASN A 162 -12.16 -8.74 -34.76
C ASN A 162 -12.43 -10.23 -34.97
N VAL A 163 -12.51 -10.99 -33.87
CA VAL A 163 -12.86 -12.41 -33.96
C VAL A 163 -14.28 -12.57 -34.52
N MET A 164 -15.22 -11.74 -34.02
CA MET A 164 -16.58 -11.78 -34.56
C MET A 164 -16.62 -11.34 -36.03
N TRP A 165 -15.76 -10.38 -36.41
CA TRP A 165 -15.69 -9.96 -37.81
C TRP A 165 -15.24 -11.10 -38.71
N PHE A 166 -14.20 -11.84 -38.28
CA PHE A 166 -13.72 -12.99 -39.06
C PHE A 166 -14.78 -14.08 -39.16
N LEU A 167 -15.52 -14.32 -38.07
CA LEU A 167 -16.60 -15.30 -38.13
C LEU A 167 -17.73 -14.84 -39.05
N LEU A 168 -18.08 -13.55 -39.00
CA LEU A 168 -19.16 -12.99 -39.80
C LEU A 168 -18.83 -12.97 -41.29
N GLN A 169 -17.54 -12.83 -41.65
CA GLN A 169 -17.15 -12.72 -43.07
C GLN A 169 -17.55 -13.93 -43.91
N LEU A 170 -17.54 -15.13 -43.33
CA LEU A 170 -17.83 -16.35 -44.09
C LEU A 170 -19.34 -16.57 -44.23
N VAL A 171 -19.98 -15.65 -44.96
CA VAL A 171 -21.40 -15.71 -45.29
C VAL A 171 -21.56 -15.48 -46.78
N ASP A 172 -22.29 -16.38 -47.45
CA ASP A 172 -22.55 -16.30 -48.88
C ASP A 172 -23.99 -15.85 -49.13
N HIS A 173 -24.30 -15.67 -50.42
CA HIS A 173 -25.63 -15.24 -50.84
C HIS A 173 -26.74 -16.21 -50.47
N GLU A 174 -26.43 -17.50 -50.32
CA GLU A 174 -27.43 -18.50 -49.94
C GLU A 174 -27.95 -18.25 -48.53
N VAL A 175 -27.04 -18.03 -47.57
CA VAL A 175 -27.43 -17.73 -46.20
C VAL A 175 -28.04 -16.33 -46.12
N HIS A 176 -27.64 -15.43 -47.02
CA HIS A 176 -28.22 -14.09 -47.05
C HIS A 176 -29.66 -14.12 -47.56
N GLU A 177 -29.97 -15.05 -48.47
CA GLU A 177 -31.34 -15.17 -48.96
C GLU A 177 -32.21 -15.98 -48.00
N SER A 178 -31.82 -17.21 -47.72
CA SER A 178 -32.54 -18.07 -46.78
C SER A 178 -32.06 -17.75 -45.36
N ASN A 179 -32.92 -17.08 -44.59
CA ASN A 179 -32.57 -16.63 -43.24
C ASN A 179 -32.30 -17.81 -42.31
N GLU A 180 -31.21 -17.72 -41.56
CA GLU A 180 -30.83 -18.75 -40.60
C GLU A 180 -30.59 -18.12 -39.24
N VAL A 181 -30.53 -18.97 -38.21
CA VAL A 181 -30.44 -18.51 -36.84
C VAL A 181 -29.04 -17.99 -36.53
N TRP A 182 -28.01 -18.74 -36.95
CA TRP A 182 -26.64 -18.43 -36.54
C TRP A 182 -26.11 -17.18 -37.22
N CYS A 183 -26.58 -16.89 -38.44
CA CYS A 183 -26.19 -15.67 -39.15
C CYS A 183 -26.65 -14.42 -38.39
N ARG A 184 -27.95 -14.40 -38.03
CA ARG A 184 -28.50 -13.31 -37.24
C ARG A 184 -27.85 -13.21 -35.86
N CYS A 185 -27.59 -14.37 -35.23
CA CYS A 185 -26.92 -14.39 -33.94
C CYS A 185 -25.53 -13.76 -33.99
N ILE A 186 -24.74 -14.12 -35.01
CA ILE A 186 -23.38 -13.60 -35.15
C ILE A 186 -23.41 -12.11 -35.49
N THR A 187 -24.41 -11.68 -36.28
CA THR A 187 -24.60 -10.26 -36.56
C THR A 187 -24.92 -9.48 -35.27
N THR A 188 -25.81 -10.03 -34.44
CA THR A 188 -26.18 -9.39 -33.18
C THR A 188 -25.00 -9.26 -32.23
N ILE A 189 -24.23 -10.35 -32.05
CA ILE A 189 -23.04 -10.35 -31.19
C ILE A 189 -22.00 -9.35 -31.70
N PHE A 190 -21.74 -9.34 -33.01
CA PHE A 190 -20.81 -8.40 -33.62
C PHE A 190 -21.23 -6.94 -33.38
N ASN A 191 -22.52 -6.65 -33.57
CA ASN A 191 -23.05 -5.31 -33.28
C ASN A 191 -22.90 -4.95 -31.80
N TYR A 192 -23.07 -5.94 -30.92
CA TYR A 192 -22.85 -5.74 -29.49
C TYR A 192 -21.41 -5.32 -29.22
N PHE A 193 -20.44 -6.00 -29.85
CA PHE A 193 -19.04 -5.63 -29.60
C PHE A 193 -18.67 -4.30 -30.25
N VAL A 194 -19.34 -3.92 -31.34
CA VAL A 194 -19.13 -2.59 -31.93
C VAL A 194 -19.60 -1.49 -30.96
N VAL A 195 -20.84 -1.62 -30.46
CA VAL A 195 -21.39 -0.66 -29.49
C VAL A 195 -20.54 -0.65 -28.21
N THR A 196 -20.05 -1.82 -27.80
CA THR A 196 -19.20 -1.92 -26.62
C THR A 196 -17.87 -1.20 -26.84
N ASN A 197 -17.31 -1.31 -28.04
CA ASN A 197 -16.05 -0.63 -28.37
C ASN A 197 -16.21 0.89 -28.33
N PHE A 198 -17.27 1.40 -28.96
CA PHE A 198 -17.50 2.85 -28.93
C PHE A 198 -17.81 3.37 -27.52
N PHE A 199 -18.52 2.57 -26.71
CA PHE A 199 -18.74 2.95 -25.32
C PHE A 199 -17.45 2.93 -24.50
N TRP A 200 -16.57 1.95 -24.73
CA TRP A 200 -15.28 1.98 -24.05
C TRP A 200 -14.40 3.15 -24.51
N MET A 201 -14.55 3.59 -25.76
CA MET A 201 -13.90 4.83 -26.19
C MET A 201 -14.45 6.03 -25.42
N PHE A 202 -15.77 6.05 -25.20
CA PHE A 202 -16.40 7.07 -24.36
C PHE A 202 -15.86 7.02 -22.93
N VAL A 203 -15.71 5.82 -22.38
CA VAL A 203 -15.14 5.61 -21.04
C VAL A 203 -13.72 6.18 -20.97
N GLU A 204 -12.89 5.88 -21.98
CA GLU A 204 -11.54 6.41 -22.07
C GLU A 204 -11.53 7.94 -22.10
N GLY A 205 -12.41 8.53 -22.91
CA GLY A 205 -12.52 9.98 -22.96
C GLY A 205 -12.96 10.59 -21.65
N CYS A 206 -13.91 9.95 -20.97
CA CYS A 206 -14.37 10.41 -19.66
C CYS A 206 -13.25 10.34 -18.61
N TYR A 207 -12.47 9.25 -18.63
CA TYR A 207 -11.34 9.14 -17.71
C TYR A 207 -10.29 10.20 -17.97
N LEU A 208 -9.97 10.45 -19.25
CA LEU A 208 -8.99 11.46 -19.61
C LEU A 208 -9.47 12.85 -19.20
N HIS A 209 -10.76 13.14 -19.40
CA HIS A 209 -11.33 14.42 -18.96
C HIS A 209 -11.32 14.54 -17.44
N THR A 210 -11.67 13.47 -16.72
CA THR A 210 -11.68 13.48 -15.27
C THR A 210 -10.27 13.66 -14.71
N ALA A 211 -9.26 13.18 -15.44
CA ALA A 211 -7.88 13.36 -15.01
C ALA A 211 -7.41 14.79 -15.25
N ILE A 212 -7.50 15.24 -16.51
CA ILE A 212 -6.97 16.56 -16.88
C ILE A 212 -7.76 17.71 -16.23
N VAL A 213 -9.09 17.61 -16.18
CA VAL A 213 -9.86 18.79 -15.76
C VAL A 213 -10.15 18.79 -14.26
N MET A 214 -11.02 17.90 -13.80
CA MET A 214 -11.41 17.85 -12.39
C MET A 214 -11.95 16.48 -12.05
N THR A 215 -11.88 16.16 -10.76
CA THR A 215 -12.30 14.85 -10.26
C THR A 215 -13.66 14.96 -9.57
N TYR A 216 -14.54 14.01 -9.87
CA TYR A 216 -15.89 14.01 -9.30
C TYR A 216 -16.13 12.94 -8.25
N SER A 217 -15.29 11.90 -8.18
CA SER A 217 -15.52 10.82 -7.23
C SER A 217 -14.22 10.07 -6.96
N THR A 218 -14.31 9.12 -6.01
CA THR A 218 -13.18 8.27 -5.66
C THR A 218 -12.90 7.25 -6.76
N GLU A 219 -11.64 6.78 -6.79
CA GLU A 219 -11.15 5.83 -7.80
C GLU A 219 -11.96 4.53 -7.85
N ARG A 220 -12.45 4.05 -6.71
CA ARG A 220 -13.22 2.82 -6.70
C ARG A 220 -14.57 3.01 -7.39
N LEU A 221 -15.24 4.12 -7.12
CA LEU A 221 -16.48 4.43 -7.83
C LEU A 221 -16.23 4.76 -9.29
N ARG A 222 -15.05 5.35 -9.60
CA ARG A 222 -14.65 5.52 -11.00
C ARG A 222 -14.59 4.19 -11.72
N LYS A 223 -13.88 3.22 -11.13
CA LYS A 223 -13.74 1.88 -11.73
C LYS A 223 -15.09 1.20 -11.89
N CYS A 224 -15.95 1.28 -10.86
CA CYS A 224 -17.26 0.65 -10.92
C CYS A 224 -18.14 1.28 -12.00
N LEU A 225 -18.21 2.62 -12.03
CA LEU A 225 -18.98 3.33 -13.04
C LEU A 225 -18.46 3.08 -14.46
N PHE A 226 -17.14 3.05 -14.62
CA PHE A 226 -16.54 2.79 -15.93
C PHE A 226 -16.84 1.40 -16.44
N LEU A 227 -16.64 0.37 -15.59
CA LEU A 227 -17.00 -1.00 -15.95
C LEU A 227 -18.49 -1.12 -16.27
N PHE A 228 -19.35 -0.44 -15.49
CA PHE A 228 -20.79 -0.47 -15.71
C PHE A 228 -21.15 0.10 -17.08
N ILE A 229 -20.59 1.27 -17.42
CA ILE A 229 -20.85 1.90 -18.71
C ILE A 229 -20.31 1.04 -19.86
N GLY A 230 -19.12 0.47 -19.67
CA GLY A 230 -18.50 -0.33 -20.71
C GLY A 230 -19.26 -1.61 -21.03
N TRP A 231 -19.75 -2.31 -20.00
CA TRP A 231 -20.36 -3.61 -20.26
C TRP A 231 -21.87 -3.66 -20.05
N CYS A 232 -22.39 -3.17 -18.92
CA CYS A 232 -23.82 -3.33 -18.63
C CYS A 232 -24.70 -2.48 -19.53
N ILE A 233 -24.26 -1.24 -19.83
CA ILE A 233 -25.07 -0.34 -20.67
C ILE A 233 -25.32 -0.84 -22.09
N PRO A 234 -24.37 -1.49 -22.81
CA PRO A 234 -24.73 -2.03 -24.14
C PRO A 234 -25.81 -3.12 -24.16
N PHE A 235 -26.00 -3.88 -23.06
CA PHE A 235 -26.99 -4.98 -23.08
C PHE A 235 -28.42 -4.55 -23.37
N PRO A 236 -29.03 -3.53 -22.71
CA PRO A 236 -30.41 -3.16 -23.09
C PRO A 236 -30.53 -2.62 -24.51
N ILE A 237 -29.55 -1.83 -24.97
CA ILE A 237 -29.60 -1.28 -26.32
C ILE A 237 -29.54 -2.38 -27.37
N ILE A 238 -28.62 -3.34 -27.20
CA ILE A 238 -28.49 -4.44 -28.15
C ILE A 238 -29.71 -5.37 -28.11
N VAL A 239 -30.24 -5.66 -26.91
CA VAL A 239 -31.40 -6.55 -26.81
C VAL A 239 -32.64 -5.88 -27.41
N ALA A 240 -32.86 -4.60 -27.10
CA ALA A 240 -33.98 -3.86 -27.68
C ALA A 240 -33.87 -3.74 -29.19
N TRP A 241 -32.65 -3.51 -29.70
CA TRP A 241 -32.43 -3.48 -31.14
C TRP A 241 -32.73 -4.83 -31.79
N ALA A 242 -32.29 -5.92 -31.15
CA ALA A 242 -32.55 -7.26 -31.68
C ALA A 242 -34.03 -7.57 -31.70
N ILE A 243 -34.76 -7.22 -30.63
CA ILE A 243 -36.21 -7.46 -30.57
C ILE A 243 -36.94 -6.65 -31.63
N GLY A 244 -36.61 -5.37 -31.75
CA GLY A 244 -37.24 -4.52 -32.76
C GLY A 244 -36.94 -4.97 -34.18
N LYS A 245 -35.68 -5.36 -34.44
CA LYS A 245 -35.30 -5.85 -35.75
C LYS A 245 -35.99 -7.18 -36.05
N LEU A 246 -36.13 -8.06 -35.04
CA LEU A 246 -36.80 -9.34 -35.22
C LEU A 246 -38.27 -9.15 -35.59
N TYR A 247 -38.98 -8.30 -34.85
CA TYR A 247 -40.38 -8.04 -35.15
C TYR A 247 -40.56 -7.32 -36.48
N TYR A 248 -40.02 -6.10 -36.60
CA TYR A 248 -40.30 -5.25 -37.76
C TYR A 248 -39.70 -5.79 -39.06
N GLU A 249 -38.41 -6.15 -39.07
CA GLU A 249 -37.71 -6.49 -40.32
C GLU A 249 -36.94 -7.80 -40.16
N ASN A 250 -37.66 -8.93 -40.24
CA ASN A 250 -37.03 -10.25 -40.12
C ASN A 250 -36.61 -10.74 -41.50
N GLU A 251 -35.48 -10.22 -41.98
CA GLU A 251 -34.98 -10.58 -43.31
C GLU A 251 -33.51 -10.19 -43.45
N GLN A 252 -32.85 -10.89 -44.39
CA GLN A 252 -31.49 -10.61 -44.87
C GLN A 252 -30.45 -10.54 -43.75
N CYS A 253 -30.54 -11.48 -42.80
CA CYS A 253 -29.62 -11.63 -41.65
C CYS A 253 -29.43 -10.35 -40.84
N TRP A 254 -30.49 -9.55 -40.74
CA TRP A 254 -30.57 -8.34 -39.90
C TRP A 254 -29.51 -7.29 -40.25
N PHE A 255 -28.96 -7.29 -41.46
CA PHE A 255 -28.10 -6.17 -41.86
C PHE A 255 -28.38 -5.73 -43.29
N GLY A 256 -29.53 -6.11 -43.86
CA GLY A 256 -29.91 -5.67 -45.18
C GLY A 256 -30.61 -4.33 -45.13
N LYS A 257 -30.13 -3.38 -45.93
CA LYS A 257 -30.69 -2.04 -45.98
C LYS A 257 -31.65 -1.92 -47.15
N GLU A 258 -32.93 -1.77 -46.84
CA GLU A 258 -34.04 -1.57 -47.75
C GLU A 258 -34.43 -0.10 -47.77
N PRO A 259 -35.12 0.39 -48.83
CA PRO A 259 -35.61 1.77 -48.80
C PRO A 259 -36.72 1.98 -47.78
N GLY A 260 -36.43 2.79 -46.76
CA GLY A 260 -37.37 3.08 -45.70
C GLY A 260 -37.06 2.45 -44.36
N ASP A 261 -35.90 1.82 -44.21
CA ASP A 261 -35.50 1.25 -42.93
C ASP A 261 -35.20 2.34 -41.91
N LEU A 262 -35.71 2.15 -40.68
CA LEU A 262 -35.44 3.07 -39.58
C LEU A 262 -35.13 2.34 -38.28
N VAL A 263 -35.12 1.01 -38.27
CA VAL A 263 -34.91 0.24 -37.04
C VAL A 263 -33.43 0.07 -36.74
N ASP A 264 -32.55 0.41 -37.69
CA ASP A 264 -31.12 0.24 -37.50
C ASP A 264 -30.47 1.45 -36.85
N TYR A 265 -31.25 2.48 -36.51
CA TYR A 265 -30.75 3.67 -35.84
C TYR A 265 -30.78 3.56 -34.33
N ILE A 266 -31.29 2.43 -33.80
CA ILE A 266 -31.40 2.23 -32.34
C ILE A 266 -30.02 2.21 -31.70
N TYR A 267 -29.05 1.55 -32.33
CA TYR A 267 -27.70 1.50 -31.79
C TYR A 267 -26.76 2.52 -32.43
N GLN A 268 -26.98 2.84 -33.71
CA GLN A 268 -26.16 3.84 -34.40
C GLN A 268 -26.37 5.22 -33.81
N GLY A 269 -27.61 5.54 -33.43
CA GLY A 269 -28.01 6.84 -32.91
C GLY A 269 -27.23 7.40 -31.72
N PRO A 270 -27.11 6.63 -30.62
CA PRO A 270 -26.25 7.08 -29.51
C PRO A 270 -24.78 7.26 -29.89
N ILE A 271 -24.21 6.32 -30.65
CA ILE A 271 -22.77 6.32 -30.99
C ILE A 271 -22.37 7.59 -31.72
N ILE A 272 -23.19 8.02 -32.68
CA ILE A 272 -22.96 9.27 -33.42
C ILE A 272 -22.95 10.45 -32.45
N LEU A 273 -23.81 10.41 -31.43
CA LEU A 273 -23.76 11.41 -30.38
C LEU A 273 -22.49 11.27 -29.54
N VAL A 274 -22.17 10.01 -29.14
CA VAL A 274 -21.04 9.68 -28.27
C VAL A 274 -19.73 10.26 -28.79
N LEU A 275 -19.43 9.99 -30.07
CA LEU A 275 -18.21 10.49 -30.72
C LEU A 275 -18.15 12.02 -30.67
N LEU A 276 -19.30 12.68 -30.90
CA LEU A 276 -19.38 14.13 -30.81
C LEU A 276 -19.00 14.62 -29.42
N ILE A 277 -19.52 13.92 -28.39
CA ILE A 277 -19.17 14.23 -27.00
C ILE A 277 -17.67 14.08 -26.80
N ASN A 278 -17.11 12.98 -27.33
CA ASN A 278 -15.66 12.76 -27.26
C ASN A 278 -14.90 13.89 -27.93
N PHE A 279 -15.42 14.36 -29.08
CA PHE A 279 -14.79 15.46 -29.80
C PHE A 279 -14.81 16.73 -28.95
N VAL A 280 -15.91 16.95 -28.23
CA VAL A 280 -16.02 18.08 -27.32
C VAL A 280 -14.97 17.95 -26.22
N PHE A 281 -14.87 16.74 -25.64
CA PHE A 281 -13.84 16.43 -24.66
C PHE A 281 -12.46 16.67 -25.25
N LEU A 282 -12.25 16.18 -26.51
CA LEU A 282 -10.98 16.37 -27.19
C LEU A 282 -10.70 17.85 -27.40
N PHE A 283 -11.75 18.61 -27.74
CA PHE A 283 -11.61 20.04 -27.96
C PHE A 283 -11.14 20.74 -26.69
N ASN A 284 -11.68 20.31 -25.54
CA ASN A 284 -11.30 20.90 -24.27
C ASN A 284 -9.82 20.61 -23.98
N ILE A 285 -9.38 19.40 -24.32
CA ILE A 285 -7.98 19.04 -24.15
C ILE A 285 -7.09 19.92 -25.04
N VAL A 286 -7.56 20.19 -26.26
CA VAL A 286 -6.82 21.03 -27.20
C VAL A 286 -6.70 22.45 -26.66
N ARG A 287 -7.66 22.88 -25.83
CA ARG A 287 -7.49 24.15 -25.15
C ARG A 287 -6.44 24.04 -24.05
N ILE A 288 -6.60 23.06 -23.15
CA ILE A 288 -5.84 22.98 -21.90
C ILE A 288 -4.34 22.81 -22.17
N LEU A 289 -3.99 22.04 -23.19
CA LEU A 289 -2.58 21.90 -23.57
C LEU A 289 -2.01 23.23 -24.06
N MET A 290 -2.74 23.92 -24.96
CA MET A 290 -2.21 25.13 -25.60
C MET A 290 -1.99 26.25 -24.59
N THR A 291 -2.94 26.40 -23.66
CA THR A 291 -2.80 27.39 -22.57
C THR A 291 -1.59 27.07 -21.71
N LYS A 292 -1.29 25.78 -21.53
CA LYS A 292 -0.09 25.40 -20.80
C LYS A 292 1.16 25.58 -21.65
N LEU A 293 1.02 25.47 -22.97
CA LEU A 293 2.19 25.49 -23.85
C LEU A 293 2.56 26.91 -24.28
N ARG A 294 1.94 27.93 -23.67
CA ARG A 294 2.23 29.32 -24.01
C ARG A 294 3.61 29.75 -23.52
N ALA A 295 3.79 29.80 -22.20
CA ALA A 295 5.04 30.22 -21.59
C ALA A 295 6.03 29.08 -21.38
N SER A 296 5.58 27.82 -21.58
CA SER A 296 6.43 26.65 -21.41
C SER A 296 7.70 26.71 -22.25
N THR A 297 7.55 26.96 -23.56
CA THR A 297 8.68 27.03 -24.48
C THR A 297 8.48 28.23 -25.39
N THR A 298 9.52 29.08 -25.47
CA THR A 298 9.44 30.27 -26.31
C THR A 298 9.45 29.92 -27.80
N SER A 299 10.07 28.81 -28.17
CA SER A 299 10.14 28.35 -29.56
C SER A 299 8.77 27.96 -30.08
N GLU A 300 8.14 28.88 -30.84
CA GLU A 300 6.83 28.67 -31.46
C GLU A 300 6.74 27.37 -32.25
N THR A 301 7.80 27.06 -33.02
CA THR A 301 7.79 25.89 -33.90
C THR A 301 7.70 24.59 -33.10
N ILE A 302 8.37 24.55 -31.94
CA ILE A 302 8.31 23.38 -31.09
C ILE A 302 6.93 23.26 -30.44
N GLN A 303 6.27 24.41 -30.21
CA GLN A 303 4.92 24.40 -29.65
C GLN A 303 3.91 23.85 -30.64
N TYR A 304 3.99 24.29 -31.90
CA TYR A 304 3.08 23.77 -32.93
C TYR A 304 3.35 22.30 -33.22
N ARG A 305 4.63 21.91 -33.32
CA ARG A 305 4.96 20.50 -33.55
C ARG A 305 4.51 19.61 -32.39
N LYS A 306 4.61 20.11 -31.15
CA LYS A 306 4.19 19.32 -30.00
C LYS A 306 2.67 19.21 -29.93
N ALA A 307 1.95 20.27 -30.31
CA ALA A 307 0.49 20.20 -30.34
C ALA A 307 0.00 19.25 -31.43
N VAL A 308 0.65 19.29 -32.61
CA VAL A 308 0.34 18.35 -33.68
C VAL A 308 0.62 16.91 -33.25
N LYS A 309 1.79 16.69 -32.62
CA LYS A 309 2.16 15.35 -32.17
C LYS A 309 1.22 14.82 -31.10
N ALA A 310 0.70 15.70 -30.24
CA ALA A 310 -0.26 15.25 -29.24
C ALA A 310 -1.62 14.96 -29.85
N THR A 311 -2.06 15.79 -30.81
CA THR A 311 -3.34 15.59 -31.48
C THR A 311 -3.35 14.31 -32.30
N LEU A 312 -2.29 14.05 -33.05
CA LEU A 312 -2.19 12.86 -33.91
C LEU A 312 -2.04 11.55 -33.13
N VAL A 313 -1.93 11.60 -31.80
CA VAL A 313 -1.94 10.40 -30.97
C VAL A 313 -3.18 10.37 -30.06
N LEU A 314 -3.87 11.50 -29.91
CA LEU A 314 -5.18 11.45 -29.24
C LEU A 314 -6.31 11.13 -30.20
N LEU A 315 -6.14 11.38 -31.50
CA LEU A 315 -7.16 11.01 -32.49
C LEU A 315 -7.51 9.52 -32.53
N PRO A 316 -6.55 8.57 -32.69
CA PRO A 316 -6.97 7.15 -32.77
C PRO A 316 -7.63 6.60 -31.51
N LEU A 317 -7.35 7.18 -30.34
CA LEU A 317 -7.85 6.61 -29.09
C LEU A 317 -9.29 7.05 -28.80
N LEU A 318 -9.68 8.21 -29.31
CA LEU A 318 -11.01 8.77 -29.05
C LEU A 318 -12.03 8.43 -30.12
N GLY A 319 -11.61 7.86 -31.24
CA GLY A 319 -12.54 7.49 -32.28
C GLY A 319 -13.01 8.64 -33.14
N ILE A 320 -12.18 9.69 -33.27
CA ILE A 320 -12.53 10.84 -34.10
C ILE A 320 -12.23 10.56 -35.57
N THR A 321 -11.58 9.44 -35.87
CA THR A 321 -11.26 9.07 -37.26
C THR A 321 -12.53 8.86 -38.08
N TYR A 322 -13.55 8.25 -37.48
CA TYR A 322 -14.85 8.10 -38.13
C TYR A 322 -15.46 9.46 -38.43
N MET A 323 -15.23 10.44 -37.56
CA MET A 323 -15.69 11.80 -37.77
C MET A 323 -14.91 12.53 -38.86
N LEU A 324 -13.75 12.00 -39.27
CA LEU A 324 -12.95 12.68 -40.30
C LEU A 324 -13.67 12.74 -41.64
N PHE A 325 -14.24 11.62 -42.07
CA PHE A 325 -15.00 11.56 -43.32
C PHE A 325 -16.31 10.81 -43.02
N PHE A 326 -17.24 11.52 -42.37
CA PHE A 326 -18.44 10.91 -41.82
C PHE A 326 -19.44 10.50 -42.91
N VAL A 327 -19.91 11.46 -43.72
CA VAL A 327 -20.96 11.22 -44.71
C VAL A 327 -20.50 11.68 -46.08
N ASN A 328 -20.54 10.77 -47.06
CA ASN A 328 -20.22 11.03 -48.44
C ASN A 328 -21.41 10.64 -49.31
N PRO A 329 -21.89 11.52 -50.21
CA PRO A 329 -22.98 11.12 -51.12
C PRO A 329 -22.55 10.02 -52.08
N GLY A 330 -23.47 9.07 -52.27
CA GLY A 330 -23.21 7.92 -53.13
C GLY A 330 -23.00 8.26 -54.60
N GLU A 331 -23.70 9.31 -55.08
CA GLU A 331 -23.69 9.73 -56.48
C GLU A 331 -22.28 9.93 -57.04
N ASP A 332 -21.44 10.69 -56.33
CA ASP A 332 -20.07 10.93 -56.74
C ASP A 332 -19.27 9.62 -56.81
N ASP A 333 -18.42 9.51 -57.83
CA ASP A 333 -17.63 8.29 -58.06
C ASP A 333 -16.27 8.31 -57.38
N LEU A 334 -15.42 9.27 -57.76
CA LEU A 334 -14.09 9.48 -57.18
C LEU A 334 -14.15 9.60 -55.66
N SER A 335 -15.02 10.49 -55.17
CA SER A 335 -15.35 10.60 -53.75
C SER A 335 -15.71 9.25 -53.13
N GLN A 336 -16.50 8.43 -53.82
CA GLN A 336 -16.89 7.12 -53.29
C GLN A 336 -15.68 6.20 -53.15
N ILE A 337 -14.79 6.21 -54.14
CA ILE A 337 -13.59 5.38 -54.09
C ILE A 337 -12.69 5.83 -52.94
N MET A 338 -12.57 7.16 -52.75
CA MET A 338 -11.80 7.71 -51.64
C MET A 338 -12.42 7.34 -50.30
N PHE A 339 -13.75 7.45 -50.19
CA PHE A 339 -14.53 6.98 -49.05
C PHE A 339 -14.18 5.54 -48.66
N ILE A 340 -14.30 4.63 -49.64
CA ILE A 340 -14.09 3.20 -49.38
C ILE A 340 -12.66 2.93 -48.92
N TYR A 341 -11.67 3.46 -49.66
CA TYR A 341 -10.28 3.15 -49.32
C TYR A 341 -9.84 3.83 -48.02
N PHE A 342 -10.21 5.10 -47.84
CA PHE A 342 -9.84 5.86 -46.63
C PHE A 342 -10.44 5.23 -45.38
N ASN A 343 -11.76 4.99 -45.37
CA ASN A 343 -12.39 4.38 -44.20
C ASN A 343 -11.97 2.93 -44.00
N SER A 344 -11.70 2.18 -45.08
CA SER A 344 -11.19 0.82 -44.94
C SER A 344 -9.79 0.82 -44.32
N PHE A 345 -8.99 1.85 -44.60
CA PHE A 345 -7.68 1.94 -44.00
C PHE A 345 -7.75 2.37 -42.54
N LEU A 346 -8.66 3.31 -42.22
CA LEU A 346 -8.78 3.77 -40.83
C LEU A 346 -9.38 2.70 -39.93
N GLN A 347 -10.47 2.06 -40.38
CA GLN A 347 -11.18 1.10 -39.54
C GLN A 347 -10.33 -0.13 -39.22
N SER A 348 -9.57 -0.61 -40.21
CA SER A 348 -8.89 -1.89 -40.06
C SER A 348 -7.65 -1.78 -39.17
N PHE A 349 -6.90 -0.69 -39.29
CA PHE A 349 -5.65 -0.51 -38.57
C PHE A 349 -5.80 0.27 -37.27
N GLN A 350 -7.03 0.56 -36.84
CA GLN A 350 -7.24 1.41 -35.66
C GLN A 350 -6.78 0.72 -34.39
N GLY A 351 -7.23 -0.54 -34.21
CA GLY A 351 -6.71 -1.36 -33.12
C GLY A 351 -5.21 -1.57 -33.18
N PHE A 352 -4.65 -1.60 -34.38
CA PHE A 352 -3.20 -1.74 -34.54
C PHE A 352 -2.47 -0.50 -34.04
N PHE A 353 -2.95 0.69 -34.40
CA PHE A 353 -2.35 1.94 -33.92
C PHE A 353 -2.45 2.04 -32.41
N VAL A 354 -3.66 1.84 -31.86
CA VAL A 354 -3.88 1.91 -30.41
C VAL A 354 -2.99 0.91 -29.67
N SER A 355 -2.98 -0.35 -30.13
CA SER A 355 -2.19 -1.41 -29.53
C SER A 355 -0.70 -1.09 -29.52
N VAL A 356 -0.13 -0.80 -30.71
CA VAL A 356 1.30 -0.52 -30.85
C VAL A 356 1.71 0.69 -30.02
N PHE A 357 1.06 1.84 -30.23
CA PHE A 357 1.49 3.08 -29.59
C PHE A 357 1.33 3.02 -28.07
N TYR A 358 0.17 2.58 -27.58
CA TYR A 358 -0.06 2.62 -26.14
C TYR A 358 0.65 1.48 -25.41
N CYS A 359 0.72 0.28 -26.00
CA CYS A 359 1.44 -0.82 -25.34
C CYS A 359 2.94 -0.58 -25.35
N PHE A 360 3.53 -0.26 -26.51
CA PHE A 360 4.98 -0.24 -26.64
C PHE A 360 5.58 1.13 -26.32
N PHE A 361 5.03 2.21 -26.89
CA PHE A 361 5.67 3.52 -26.74
C PHE A 361 5.57 4.08 -25.33
N ASN A 362 4.66 3.57 -24.50
CA ASN A 362 4.55 4.00 -23.11
C ASN A 362 5.80 3.58 -22.35
N GLY A 363 6.36 4.52 -21.57
CA GLY A 363 7.59 4.25 -20.84
C GLY A 363 7.47 3.18 -19.78
N GLU A 364 6.31 3.16 -19.09
CA GLU A 364 6.11 2.28 -17.95
C GLU A 364 6.18 0.80 -18.33
N VAL A 365 5.56 0.44 -19.45
CA VAL A 365 5.58 -0.95 -19.92
C VAL A 365 7.00 -1.38 -20.28
N ARG A 366 7.76 -0.49 -20.92
CA ARG A 366 9.15 -0.79 -21.26
C ARG A 366 10.01 -0.94 -20.01
N SER A 367 9.78 -0.09 -19.01
CA SER A 367 10.46 -0.17 -17.73
C SER A 367 10.17 -1.51 -17.05
N ALA A 368 8.90 -1.89 -16.97
CA ALA A 368 8.48 -3.17 -16.38
C ALA A 368 9.14 -4.35 -17.08
N VAL A 369 9.11 -4.37 -18.42
CA VAL A 369 9.74 -5.43 -19.20
C VAL A 369 11.24 -5.51 -18.91
N ARG A 370 11.92 -4.34 -18.92
CA ARG A 370 13.36 -4.29 -18.63
C ARG A 370 13.67 -4.79 -17.23
N LYS A 371 12.85 -4.42 -16.24
CA LYS A 371 13.02 -4.89 -14.87
C LYS A 371 12.86 -6.41 -14.77
N ARG A 372 11.81 -6.95 -15.40
CA ARG A 372 11.62 -8.41 -15.37
C ARG A 372 12.71 -9.15 -16.13
N TRP A 373 13.29 -8.52 -17.14
CA TRP A 373 14.42 -9.11 -17.85
C TRP A 373 15.66 -9.14 -16.97
N HIS A 374 15.93 -8.04 -16.26
CA HIS A 374 17.02 -8.02 -15.29
C HIS A 374 16.83 -9.06 -14.19
N ARG A 375 15.60 -9.19 -13.69
CA ARG A 375 15.31 -10.21 -12.67
C ARG A 375 15.55 -11.62 -13.19
N TRP A 376 15.13 -11.89 -14.44
CA TRP A 376 15.35 -13.21 -15.02
C TRP A 376 16.84 -13.48 -15.23
N GLN A 377 17.58 -12.49 -15.73
CA GLN A 377 19.03 -12.62 -15.91
C GLN A 377 19.73 -12.85 -14.57
N ASP A 378 19.30 -12.16 -13.51
CA ASP A 378 19.90 -12.32 -12.19
C ASP A 378 19.60 -13.71 -11.63
N HIS A 379 18.38 -14.22 -11.83
CA HIS A 379 18.04 -15.56 -11.37
C HIS A 379 18.81 -16.62 -12.16
N HIS A 380 18.98 -16.41 -13.47
CA HIS A 380 19.69 -17.38 -14.31
C HIS A 380 21.18 -17.42 -13.99
N SER A 381 21.79 -16.24 -13.80
CA SER A 381 23.24 -16.15 -13.57
C SER A 381 23.66 -16.86 -12.29
N LEU A 382 22.92 -16.64 -11.21
CA LEU A 382 23.19 -17.31 -9.94
C LEU A 382 22.89 -18.81 -10.01
N ASN B 2 -28.40 6.58 -50.03
CA ASN B 2 -27.71 7.85 -49.84
C ASN B 2 -26.96 8.02 -48.49
N PRO B 3 -27.59 7.69 -47.29
CA PRO B 3 -26.76 7.68 -46.07
C PRO B 3 -25.74 6.56 -46.05
N SER B 4 -24.46 6.92 -46.18
CA SER B 4 -23.35 5.98 -46.14
C SER B 4 -22.44 6.41 -44.99
N LEU B 5 -22.74 5.92 -43.79
CA LEU B 5 -22.00 6.31 -42.60
C LEU B 5 -20.66 5.61 -42.54
N SER B 6 -19.70 6.24 -41.85
CA SER B 6 -18.38 5.64 -41.67
C SER B 6 -18.43 4.47 -40.71
N ILE B 7 -19.29 4.54 -39.69
CA ILE B 7 -19.42 3.45 -38.73
C ILE B 7 -20.06 2.21 -39.36
N ASP B 8 -20.84 2.38 -40.43
CA ASP B 8 -21.56 1.29 -41.08
C ASP B 8 -20.87 0.92 -42.39
N LEU B 9 -19.53 0.97 -42.38
CA LEU B 9 -18.77 0.69 -43.60
C LEU B 9 -18.78 -0.79 -43.92
N THR B 10 -18.53 -1.63 -42.91
CA THR B 10 -18.39 -3.07 -43.12
C THR B 10 -19.67 -3.72 -43.65
N PHE B 11 -20.83 -3.34 -43.11
CA PHE B 11 -22.09 -3.88 -43.61
C PHE B 11 -22.40 -3.40 -45.03
N HIS B 12 -21.97 -2.18 -45.38
CA HIS B 12 -22.18 -1.69 -46.73
C HIS B 12 -21.31 -2.43 -47.73
N LEU B 13 -20.04 -2.66 -47.37
CA LEU B 13 -19.14 -3.46 -48.20
C LEU B 13 -19.65 -4.88 -48.36
N LEU B 14 -20.09 -5.50 -47.26
CA LEU B 14 -20.65 -6.86 -47.32
C LEU B 14 -21.89 -6.93 -48.19
N ARG B 15 -22.81 -5.96 -48.08
CA ARG B 15 -24.00 -5.97 -48.91
C ARG B 15 -23.66 -5.78 -50.39
N THR B 16 -22.67 -4.93 -50.68
CA THR B 16 -22.28 -4.71 -52.07
C THR B 16 -21.59 -5.95 -52.65
N LEU B 17 -20.73 -6.59 -51.87
CA LEU B 17 -20.05 -7.80 -52.33
C LEU B 17 -21.01 -8.98 -52.47
N LEU B 18 -21.93 -9.16 -51.53
CA LEU B 18 -22.94 -10.20 -51.66
C LEU B 18 -23.88 -9.94 -52.84
N GLU B 19 -24.14 -8.67 -53.16
CA GLU B 19 -24.96 -8.38 -54.34
C GLU B 19 -24.21 -8.68 -55.63
N LEU B 20 -22.90 -8.38 -55.66
CA LEU B 20 -22.09 -8.73 -56.82
C LEU B 20 -21.97 -10.25 -56.98
N ALA B 21 -21.74 -10.96 -55.88
CA ALA B 21 -21.70 -12.42 -55.89
C ALA B 21 -23.02 -13.04 -56.34
N ARG B 22 -24.15 -12.46 -55.90
CA ARG B 22 -25.44 -12.96 -56.33
C ARG B 22 -25.70 -12.65 -57.79
N THR B 23 -25.14 -11.55 -58.30
CA THR B 23 -25.30 -11.22 -59.71
C THR B 23 -24.44 -12.14 -60.59
N GLN B 24 -23.24 -12.47 -60.12
CA GLN B 24 -22.38 -13.42 -60.84
C GLN B 24 -22.98 -14.81 -60.84
N SER B 25 -23.43 -15.28 -59.67
CA SER B 25 -24.10 -16.58 -59.57
C SER B 25 -25.35 -16.65 -60.43
N GLN B 26 -26.14 -15.56 -60.47
CA GLN B 26 -27.35 -15.53 -61.28
C GLN B 26 -27.01 -15.50 -62.77
N ARG B 27 -25.92 -14.83 -63.15
CA ARG B 27 -25.52 -14.82 -64.55
C ARG B 27 -24.97 -16.17 -65.00
N GLU B 28 -24.26 -16.88 -64.11
CA GLU B 28 -23.81 -18.24 -64.44
C GLU B 28 -24.97 -19.20 -64.50
N ARG B 29 -25.95 -19.03 -63.60
CA ARG B 29 -27.15 -19.85 -63.63
C ARG B 29 -27.99 -19.58 -64.87
N ALA B 30 -27.99 -18.32 -65.35
CA ALA B 30 -28.68 -18.00 -66.60
C ALA B 30 -27.93 -18.55 -67.81
N GLU B 31 -26.59 -18.63 -67.75
CA GLU B 31 -25.86 -19.28 -68.83
C GLU B 31 -26.08 -20.79 -68.84
N GLN B 32 -26.27 -21.38 -67.66
CA GLN B 32 -26.65 -22.80 -67.59
C GLN B 32 -28.06 -23.01 -68.13
N ASN B 33 -28.99 -22.10 -67.83
CA ASN B 33 -30.32 -22.18 -68.41
C ASN B 33 -30.28 -21.97 -69.93
N ARG B 34 -29.35 -21.14 -70.41
CA ARG B 34 -29.23 -20.91 -71.85
C ARG B 34 -28.68 -22.12 -72.56
N ILE B 35 -27.69 -22.80 -71.98
CA ILE B 35 -27.19 -24.03 -72.59
C ILE B 35 -28.24 -25.15 -72.48
N ILE B 36 -29.11 -25.10 -71.46
CA ILE B 36 -30.26 -26.02 -71.43
C ILE B 36 -31.20 -25.74 -72.61
N PHE B 37 -31.52 -24.47 -72.85
CA PHE B 37 -32.30 -24.10 -74.03
C PHE B 37 -31.49 -24.32 -75.31
N CYS C 3 -14.00 -21.86 3.76
CA CYS C 3 -15.15 -21.64 4.64
C CYS C 3 -15.03 -22.51 5.89
N THR C 4 -13.98 -23.31 5.96
CA THR C 4 -13.72 -24.16 7.14
C THR C 4 -13.00 -23.36 8.22
N LEU C 5 -13.73 -22.40 8.79
CA LEU C 5 -13.20 -21.53 9.82
C LEU C 5 -14.18 -21.48 11.00
N SER C 6 -13.62 -21.28 12.19
CA SER C 6 -14.43 -21.12 13.39
C SER C 6 -15.13 -19.75 13.40
N ALA C 7 -15.99 -19.57 14.40
CA ALA C 7 -16.76 -18.34 14.54
C ALA C 7 -15.87 -17.15 14.85
N GLU C 8 -14.88 -17.35 15.74
CA GLU C 8 -13.94 -16.28 16.09
C GLU C 8 -13.13 -15.85 14.87
N ASP C 9 -12.72 -16.80 14.02
CA ASP C 9 -11.98 -16.46 12.82
C ASP C 9 -12.83 -15.65 11.85
N LYS C 10 -14.12 -15.99 11.73
CA LYS C 10 -15.02 -15.23 10.87
C LYS C 10 -15.23 -13.82 11.39
N ALA C 11 -15.41 -13.68 12.71
CA ALA C 11 -15.54 -12.36 13.32
C ALA C 11 -14.25 -11.54 13.15
N ALA C 12 -13.09 -12.20 13.22
CA ALA C 12 -11.81 -11.53 12.98
C ALA C 12 -11.71 -11.05 11.54
N VAL C 13 -12.18 -11.85 10.58
CA VAL C 13 -12.18 -11.43 9.18
C VAL C 13 -13.12 -10.25 8.96
N GLU C 14 -14.25 -10.23 9.69
CA GLU C 14 -15.19 -9.10 9.57
C GLU C 14 -14.61 -7.84 10.21
N ARG C 15 -13.90 -7.99 11.32
CA ARG C 15 -13.18 -6.87 11.92
C ARG C 15 -12.11 -6.34 10.98
N SER C 16 -11.41 -7.24 10.29
CA SER C 16 -10.40 -6.83 9.30
C SER C 16 -11.04 -6.09 8.14
N LYS C 17 -12.24 -6.49 7.72
CA LYS C 17 -12.97 -5.75 6.69
C LYS C 17 -13.37 -4.36 7.17
N MET C 18 -13.77 -4.25 8.45
CA MET C 18 -14.08 -2.95 9.03
C MET C 18 -12.85 -2.04 9.06
N ILE C 19 -11.69 -2.60 9.43
CA ILE C 19 -10.45 -1.83 9.44
C ILE C 19 -10.05 -1.43 8.02
N ASP C 20 -10.29 -2.32 7.04
CA ASP C 20 -10.02 -2.02 5.64
C ASP C 20 -10.88 -0.85 5.15
N ARG C 21 -12.17 -0.85 5.49
CA ARG C 21 -13.04 0.25 5.09
C ARG C 21 -12.65 1.55 5.77
N ASN C 22 -12.21 1.47 7.04
CA ASN C 22 -11.77 2.67 7.74
C ASN C 22 -10.49 3.24 7.14
N LEU C 23 -9.54 2.37 6.79
CA LEU C 23 -8.31 2.82 6.11
C LEU C 23 -8.61 3.40 4.74
N ARG C 24 -9.57 2.81 4.01
CA ARG C 24 -9.97 3.35 2.72
C ARG C 24 -10.57 4.75 2.86
N GLU C 25 -11.43 4.95 3.87
CA GLU C 25 -12.02 6.27 4.09
C GLU C 25 -10.98 7.29 4.53
N ASP C 26 -10.00 6.86 5.36
CA ASP C 26 -8.92 7.75 5.76
C ASP C 26 -8.03 8.13 4.58
N GLY C 27 -7.78 7.17 3.67
CA GLY C 27 -7.01 7.49 2.48
C GLY C 27 -7.75 8.40 1.52
N GLU C 28 -9.08 8.26 1.43
CA GLU C 28 -9.87 9.15 0.60
C GLU C 28 -9.89 10.56 1.17
N LYS C 29 -9.93 10.68 2.51
CA LYS C 29 -9.82 12.01 3.13
C LYS C 29 -8.43 12.59 2.95
N ALA C 30 -7.39 11.75 3.01
CA ALA C 30 -6.01 12.23 2.90
C ALA C 30 -5.64 12.62 1.48
N ALA C 31 -6.26 11.98 0.48
CA ALA C 31 -5.84 12.14 -0.92
C ALA C 31 -6.07 13.55 -1.45
N LYS C 32 -7.01 14.30 -0.89
CA LYS C 32 -7.38 15.62 -1.40
C LYS C 32 -6.51 16.75 -0.84
N ASP C 33 -5.38 16.43 -0.24
CA ASP C 33 -4.51 17.43 0.37
C ASP C 33 -3.23 17.60 -0.44
N VAL C 34 -2.69 18.82 -0.41
CA VAL C 34 -1.49 19.18 -1.15
C VAL C 34 -0.35 19.35 -0.15
N LYS C 35 0.77 18.66 -0.40
CA LYS C 35 1.94 18.74 0.46
C LYS C 35 2.91 19.79 -0.07
N LEU C 36 3.40 20.64 0.82
CA LEU C 36 4.40 21.65 0.49
C LEU C 36 5.55 21.56 1.48
N LEU C 37 6.77 21.64 0.96
CA LEU C 37 7.99 21.59 1.78
C LEU C 37 8.61 22.98 1.86
N LEU C 38 8.74 23.49 3.09
CA LEU C 38 9.38 24.77 3.34
C LEU C 38 10.81 24.53 3.82
N LEU C 39 11.70 24.30 2.86
CA LEU C 39 13.11 24.12 3.16
C LEU C 39 13.82 25.47 2.96
N GLY C 40 14.42 25.97 4.02
CA GLY C 40 15.09 27.26 3.94
C GLY C 40 16.18 27.41 4.96
N ALA C 41 16.96 28.48 4.78
CA ALA C 41 18.03 28.82 5.71
C ALA C 41 17.46 29.52 6.95
N GLY C 42 18.31 29.64 7.97
CA GLY C 42 17.90 30.29 9.21
C GLY C 42 17.60 31.77 9.03
N GLU C 43 18.48 32.49 8.33
CA GLU C 43 18.33 33.91 8.12
C GLU C 43 17.44 34.25 6.92
N SER C 44 16.75 33.26 6.35
CA SER C 44 15.96 33.46 5.14
C SER C 44 14.76 34.37 5.37
N GLY C 45 14.22 34.42 6.58
CA GLY C 45 12.97 35.11 6.81
C GLY C 45 11.75 34.28 6.50
N LYS C 46 11.84 32.95 6.68
CA LYS C 46 10.70 32.07 6.53
C LYS C 46 9.69 32.21 7.67
N SER C 47 10.09 32.82 8.79
CA SER C 47 9.15 33.15 9.85
C SER C 47 8.13 34.17 9.35
N THR C 48 8.59 35.16 8.57
CA THR C 48 7.68 36.10 7.92
C THR C 48 6.74 35.38 6.96
N ILE C 49 7.24 34.32 6.30
CA ILE C 49 6.43 33.57 5.34
C ILE C 49 5.31 32.81 6.06
N VAL C 50 5.63 32.10 7.14
CA VAL C 50 4.59 31.39 7.88
C VAL C 50 3.62 32.36 8.58
N LYS C 51 4.11 33.51 9.04
CA LYS C 51 3.20 34.51 9.62
C LYS C 51 2.27 35.09 8.57
N GLN C 52 2.71 35.21 7.31
CA GLN C 52 1.82 35.66 6.26
C GLN C 52 0.86 34.56 5.81
N MET C 53 1.28 33.29 5.89
CA MET C 53 0.40 32.20 5.48
C MET C 53 -0.70 31.94 6.50
N LYS C 54 -0.37 32.02 7.80
CA LYS C 54 -1.36 31.75 8.84
C LYS C 54 -2.43 32.84 8.89
N ILE C 55 -2.01 34.10 8.98
CA ILE C 55 -2.94 35.22 9.11
C ILE C 55 -2.62 36.30 8.09
N THR C 181 8.44 23.58 20.58
CA THR C 181 8.09 23.20 19.21
C THR C 181 9.32 22.77 18.43
N THR C 182 10.05 21.81 18.99
CA THR C 182 11.24 21.27 18.32
C THR C 182 10.84 20.44 17.09
N GLY C 183 9.71 19.75 17.17
CA GLY C 183 9.24 18.92 16.08
C GLY C 183 8.78 19.71 14.86
N ILE C 184 8.47 18.95 13.81
CA ILE C 184 7.98 19.50 12.55
C ILE C 184 6.68 20.29 12.77
N VAL C 185 6.69 21.54 12.32
CA VAL C 185 5.51 22.42 12.42
C VAL C 185 4.61 22.14 11.23
N GLU C 186 3.30 22.09 11.48
CA GLU C 186 2.30 21.82 10.45
C GLU C 186 1.30 22.97 10.39
N THR C 187 1.14 23.54 9.20
CA THR C 187 0.24 24.68 8.97
C THR C 187 -0.85 24.25 8.00
N HIS C 188 -2.12 24.42 8.41
CA HIS C 188 -3.29 24.10 7.59
C HIS C 188 -3.95 25.39 7.15
N PHE C 189 -3.74 25.82 5.91
CA PHE C 189 -4.47 26.98 5.40
C PHE C 189 -5.20 26.61 4.12
N THR C 190 -6.47 26.99 4.06
CA THR C 190 -7.35 26.65 2.94
C THR C 190 -7.70 27.88 2.13
N PHE C 191 -7.67 27.73 0.81
CA PHE C 191 -8.13 28.73 -0.13
C PHE C 191 -9.60 28.41 -0.44
N LYS C 192 -10.15 29.00 -1.50
CA LYS C 192 -11.56 28.82 -1.85
C LYS C 192 -11.90 27.37 -2.15
N ASN C 193 -11.03 26.66 -2.89
CA ASN C 193 -11.33 25.30 -3.30
C ASN C 193 -10.23 24.28 -2.99
N LEU C 194 -9.07 24.70 -2.50
CA LEU C 194 -7.95 23.80 -2.28
C LEU C 194 -7.38 24.02 -0.89
N HIS C 195 -6.94 22.94 -0.25
CA HIS C 195 -6.41 22.99 1.11
C HIS C 195 -4.91 22.73 1.09
N PHE C 196 -4.12 23.70 1.56
CA PHE C 196 -2.68 23.58 1.59
C PHE C 196 -2.22 23.20 2.99
N ARG C 197 -1.25 22.31 3.05
CA ARG C 197 -0.68 21.80 4.29
C ARG C 197 0.83 21.96 4.24
N LEU C 198 1.34 23.01 4.88
CA LEU C 198 2.74 23.38 4.83
C LEU C 198 3.50 22.77 6.01
N PHE C 199 4.70 22.25 5.74
CA PHE C 199 5.51 21.61 6.76
C PHE C 199 6.83 22.35 6.93
N ASP C 200 7.16 22.67 8.18
CA ASP C 200 8.38 23.38 8.53
C ASP C 200 9.25 22.46 9.38
N VAL C 201 10.52 22.34 9.03
CA VAL C 201 11.46 21.49 9.76
C VAL C 201 12.28 22.29 10.78
N GLY C 202 12.84 23.42 10.40
CA GLY C 202 13.62 24.23 11.30
C GLY C 202 15.00 24.58 10.78
N ARG C 205 18.17 22.79 11.46
CA ARG C 205 19.47 22.59 12.08
C ARG C 205 20.03 21.22 11.73
N ASP C 206 19.94 20.86 10.45
CA ASP C 206 20.42 19.58 9.94
C ASP C 206 21.59 19.85 8.98
N GLU C 207 22.74 19.27 9.29
CA GLU C 207 23.94 19.50 8.49
C GLU C 207 23.82 18.91 7.09
N ARG C 208 23.38 17.65 6.99
CA ARG C 208 23.36 16.97 5.70
C ARG C 208 21.98 16.50 5.26
N ARG C 209 20.94 16.67 6.09
CA ARG C 209 19.51 16.44 5.82
C ARG C 209 19.22 15.07 5.17
N LYS C 210 19.56 14.01 5.91
CA LYS C 210 19.38 12.64 5.45
C LYS C 210 17.91 12.22 5.42
N TRP C 211 17.02 13.01 6.00
CA TRP C 211 15.59 12.75 6.07
C TRP C 211 14.83 13.25 4.85
N ILE C 212 15.55 13.70 3.81
CA ILE C 212 14.93 14.32 2.64
C ILE C 212 14.07 13.32 1.85
N HIS C 213 14.38 12.02 1.94
CA HIS C 213 13.67 10.98 1.19
C HIS C 213 12.21 10.89 1.59
N CYS C 214 11.88 11.32 2.82
CA CYS C 214 10.49 11.36 3.27
C CYS C 214 9.66 12.32 2.41
N PHE C 215 10.27 13.41 1.95
CA PHE C 215 9.54 14.45 1.20
C PHE C 215 9.61 14.25 -0.30
N GLU C 216 9.61 13.00 -0.77
CA GLU C 216 9.56 12.75 -2.21
C GLU C 216 8.19 13.08 -2.79
N ASP C 217 7.12 12.79 -2.06
CA ASP C 217 5.76 12.89 -2.56
C ASP C 217 5.19 14.31 -2.58
N VAL C 218 5.97 15.33 -2.19
CA VAL C 218 5.47 16.70 -2.23
C VAL C 218 5.31 17.15 -3.68
N THR C 219 4.33 18.03 -3.91
CA THR C 219 4.09 18.56 -5.25
C THR C 219 4.95 19.78 -5.54
N ALA C 220 5.25 20.61 -4.54
CA ALA C 220 6.11 21.76 -4.73
C ALA C 220 6.93 21.98 -3.48
N ILE C 221 8.14 22.52 -3.67
CA ILE C 221 9.00 22.96 -2.58
C ILE C 221 8.99 24.47 -2.54
N ILE C 222 8.62 25.04 -1.41
CA ILE C 222 8.71 26.48 -1.20
C ILE C 222 10.10 26.78 -0.65
N PHE C 223 10.97 27.30 -1.52
CA PHE C 223 12.37 27.57 -1.19
C PHE C 223 12.55 29.09 -1.15
N CYS C 224 12.84 29.62 0.04
CA CYS C 224 12.90 31.05 0.26
C CYS C 224 14.34 31.48 0.52
N VAL C 225 14.78 32.51 -0.19
CA VAL C 225 16.09 33.13 0.03
C VAL C 225 15.91 34.62 0.24
N ALA C 226 16.83 35.20 1.01
CA ALA C 226 16.79 36.61 1.38
C ALA C 226 17.67 37.43 0.45
N LEU C 227 17.15 38.58 0.01
CA LEU C 227 17.93 39.47 -0.85
C LEU C 227 18.90 40.33 -0.06
N SER C 228 18.60 40.62 1.21
CA SER C 228 19.41 41.52 2.02
C SER C 228 20.69 40.89 2.54
N GLY C 229 20.90 39.59 2.31
CA GLY C 229 21.97 38.85 2.93
C GLY C 229 23.32 38.90 2.24
N TYR C 230 23.43 39.62 1.12
CA TYR C 230 24.69 39.66 0.38
C TYR C 230 25.77 40.42 1.14
N ASP C 231 25.39 41.37 1.99
CA ASP C 231 26.35 42.10 2.80
C ASP C 231 26.91 41.23 3.91
N GLN C 232 26.03 40.73 4.78
CA GLN C 232 26.45 40.02 5.99
C GLN C 232 27.12 38.69 5.67
N VAL C 233 28.33 38.51 6.20
CA VAL C 233 29.08 37.27 6.05
C VAL C 233 28.64 36.29 7.14
N LEU C 234 29.10 35.05 7.05
CA LEU C 234 28.73 34.04 8.02
C LEU C 234 29.48 34.26 9.34
N HIS C 235 28.97 33.60 10.39
CA HIS C 235 29.57 33.68 11.72
C HIS C 235 30.98 33.11 11.76
N GLU C 236 31.25 32.08 10.94
CA GLU C 236 32.58 31.47 10.87
C GLU C 236 33.64 32.44 10.37
N ASP C 237 33.23 33.43 9.56
CA ASP C 237 34.03 34.50 8.94
C ASP C 237 34.89 33.99 7.80
N GLU C 238 34.56 32.81 7.27
CA GLU C 238 35.24 32.27 6.11
C GLU C 238 34.77 33.05 4.86
N THR C 239 35.53 32.93 3.77
CA THR C 239 35.24 33.68 2.55
C THR C 239 34.08 33.02 1.79
N THR C 240 32.90 33.14 2.39
CA THR C 240 31.63 32.64 1.87
C THR C 240 30.54 33.63 2.22
N ASN C 241 29.56 33.76 1.33
CA ASN C 241 28.47 34.70 1.51
C ASN C 241 27.16 33.93 1.64
N ARG C 242 26.19 34.56 2.32
CA ARG C 242 24.84 33.98 2.47
C ARG C 242 24.20 33.69 1.12
N MET C 243 24.40 34.58 0.15
CA MET C 243 23.89 34.34 -1.20
C MET C 243 24.59 33.15 -1.85
N GLN C 244 25.91 33.02 -1.66
CA GLN C 244 26.64 31.89 -2.22
C GLN C 244 26.25 30.58 -1.56
N GLU C 245 26.00 30.61 -0.24
CA GLU C 245 25.49 29.43 0.45
C GLU C 245 24.08 29.06 -0.03
N SER C 246 23.25 30.07 -0.30
CA SER C 246 21.91 29.83 -0.84
C SER C 246 21.98 29.23 -2.24
N LEU C 247 22.91 29.72 -3.07
CA LEU C 247 23.12 29.14 -4.40
C LEU C 247 23.60 27.69 -4.31
N ASN C 248 24.51 27.40 -3.37
CA ASN C 248 24.99 26.04 -3.18
C ASN C 248 23.87 25.11 -2.71
N LEU C 249 23.02 25.61 -1.80
CA LEU C 249 21.89 24.82 -1.30
C LEU C 249 20.87 24.56 -2.41
N PHE C 250 20.56 25.58 -3.21
CA PHE C 250 19.64 25.42 -4.33
C PHE C 250 20.21 24.49 -5.40
N LYS C 251 21.53 24.52 -5.61
CA LYS C 251 22.17 23.60 -6.53
C LYS C 251 22.12 22.17 -6.01
N SER C 252 22.25 21.99 -4.69
CA SER C 252 22.12 20.67 -4.09
C SER C 252 20.69 20.16 -4.17
N ILE C 253 19.71 21.05 -4.08
CA ILE C 253 18.31 20.65 -4.21
C ILE C 253 18.00 20.24 -5.65
N CYS C 254 18.44 21.05 -6.62
CA CYS C 254 18.21 20.73 -8.03
C CYS C 254 18.90 19.45 -8.47
N ASN C 255 20.12 19.21 -7.96
CA ASN C 255 20.87 18.01 -8.34
C ASN C 255 20.46 16.78 -7.54
N ASN C 256 19.55 16.93 -6.57
CA ASN C 256 19.14 15.80 -5.74
C ASN C 256 18.34 14.80 -6.57
N LYS C 257 18.61 13.51 -6.33
CA LYS C 257 17.98 12.44 -7.10
C LYS C 257 16.48 12.38 -6.88
N PHE C 258 16.03 12.66 -5.65
CA PHE C 258 14.62 12.56 -5.33
C PHE C 258 13.81 13.72 -5.89
N PHE C 259 14.43 14.88 -6.07
CA PHE C 259 13.73 16.12 -6.41
C PHE C 259 13.81 16.46 -7.91
N ILE C 260 14.10 15.46 -8.76
CA ILE C 260 14.18 15.73 -10.19
C ILE C 260 12.80 16.04 -10.77
N ASP C 261 11.75 15.41 -10.24
CA ASP C 261 10.40 15.67 -10.71
C ASP C 261 9.81 16.94 -10.08
N THR C 262 10.07 17.15 -8.79
CA THR C 262 9.46 18.24 -8.04
C THR C 262 9.93 19.60 -8.56
N SER C 263 9.02 20.56 -8.60
CA SER C 263 9.31 21.93 -8.99
C SER C 263 9.53 22.81 -7.77
N ILE C 264 10.17 23.95 -8.00
CA ILE C 264 10.59 24.85 -6.93
C ILE C 264 9.84 26.17 -7.08
N ILE C 265 9.31 26.69 -5.97
CA ILE C 265 8.72 28.02 -5.91
C ILE C 265 9.67 28.90 -5.10
N LEU C 266 10.30 29.86 -5.77
CA LEU C 266 11.34 30.69 -5.17
C LEU C 266 10.75 32.04 -4.77
N PHE C 267 10.93 32.41 -3.50
CA PHE C 267 10.53 33.72 -3.01
C PHE C 267 11.75 34.54 -2.62
N LEU C 268 11.88 35.73 -3.23
CA LEU C 268 12.95 36.67 -2.92
C LEU C 268 12.43 37.66 -1.87
N ASN C 269 12.76 37.40 -0.60
CA ASN C 269 12.26 38.20 0.51
C ASN C 269 13.08 39.48 0.70
N LYS C 270 12.52 40.38 1.53
CA LYS C 270 13.16 41.62 1.99
C LYS C 270 13.57 42.56 0.84
N LYS C 271 12.59 42.89 -0.01
CA LYS C 271 12.80 43.84 -1.11
C LYS C 271 13.22 45.22 -0.62
N ASP C 272 12.62 45.69 0.48
CA ASP C 272 12.90 47.04 0.99
C ASP C 272 14.34 47.19 1.45
N LEU C 273 14.85 46.21 2.22
CA LEU C 273 16.22 46.27 2.69
C LEU C 273 17.23 46.19 1.55
N PHE C 274 16.94 45.34 0.55
CA PHE C 274 17.81 45.24 -0.62
C PHE C 274 17.80 46.55 -1.40
N GLY C 275 16.62 47.16 -1.56
CA GLY C 275 16.51 48.43 -2.25
C GLY C 275 17.25 49.56 -1.56
N GLU C 276 17.24 49.56 -0.23
CA GLU C 276 17.98 50.57 0.51
C GLU C 276 19.49 50.32 0.42
N LYS C 277 19.92 49.11 0.80
CA LYS C 277 21.34 48.74 0.79
C LYS C 277 22.01 48.84 -0.58
N ILE C 278 21.25 48.70 -1.68
CA ILE C 278 21.88 48.65 -3.00
C ILE C 278 22.42 50.04 -3.40
N LYS C 279 21.86 51.12 -2.85
CA LYS C 279 22.40 52.45 -3.12
C LYS C 279 23.76 52.64 -2.45
N LYS C 280 23.88 52.23 -1.19
CA LYS C 280 25.14 52.38 -0.47
C LYS C 280 26.20 51.42 -0.99
N SER C 281 25.83 50.17 -1.23
CA SER C 281 26.81 49.13 -1.54
C SER C 281 26.59 48.61 -2.96
N PRO C 282 27.62 48.62 -3.81
CA PRO C 282 27.48 48.02 -5.14
C PRO C 282 27.55 46.50 -5.08
N LEU C 283 26.92 45.87 -6.08
CA LEU C 283 26.83 44.41 -6.14
C LEU C 283 28.05 43.84 -6.87
N THR C 284 29.22 44.07 -6.27
CA THR C 284 30.49 43.59 -6.78
C THR C 284 31.11 42.50 -5.91
N ILE C 285 31.02 42.64 -4.60
CA ILE C 285 31.56 41.65 -3.66
C ILE C 285 30.80 40.33 -3.78
N CYS C 286 29.48 40.41 -3.96
CA CYS C 286 28.66 39.20 -4.02
C CYS C 286 28.86 38.47 -5.34
N PHE C 287 28.90 39.19 -6.46
CA PHE C 287 29.09 38.60 -7.78
C PHE C 287 30.22 39.33 -8.50
N PRO C 288 31.44 38.78 -8.50
CA PRO C 288 32.54 39.43 -9.24
C PRO C 288 32.36 39.44 -10.75
N GLU C 289 31.78 38.36 -11.30
CA GLU C 289 31.57 38.26 -12.75
C GLU C 289 30.61 39.33 -13.26
N TYR C 290 29.63 39.70 -12.45
CA TYR C 290 28.64 40.72 -12.83
C TYR C 290 29.28 42.07 -13.07
N THR C 291 28.96 42.68 -14.21
CA THR C 291 29.45 44.01 -14.59
C THR C 291 28.25 44.82 -15.07
N GLY C 292 27.49 45.35 -14.11
CA GLY C 292 26.31 46.14 -14.40
C GLY C 292 26.17 47.33 -13.48
N PRO C 293 25.33 48.30 -13.87
CA PRO C 293 25.09 49.45 -13.01
C PRO C 293 24.30 49.07 -11.77
N ASN C 294 24.45 49.87 -10.72
CA ASN C 294 23.78 49.58 -9.44
C ASN C 294 22.33 50.07 -9.52
N THR C 295 21.51 49.29 -10.22
CA THR C 295 20.10 49.55 -10.40
C THR C 295 19.33 48.42 -9.72
N TYR C 296 18.26 48.78 -8.98
CA TYR C 296 17.46 47.81 -8.24
C TYR C 296 16.80 46.78 -9.15
N GLU C 297 16.24 47.23 -10.28
CA GLU C 297 15.55 46.32 -11.19
C GLU C 297 16.54 45.43 -11.93
N ASP C 298 17.58 46.03 -12.50
CA ASP C 298 18.64 45.30 -13.20
C ASP C 298 19.27 44.22 -12.32
N ALA C 299 19.75 44.60 -11.14
CA ALA C 299 20.38 43.65 -10.22
C ALA C 299 19.40 42.58 -9.76
N ALA C 300 18.14 42.97 -9.48
CA ALA C 300 17.13 41.98 -9.09
C ALA C 300 16.88 40.95 -10.19
N ALA C 301 16.78 41.42 -11.44
CA ALA C 301 16.67 40.53 -12.59
C ALA C 301 17.89 39.63 -12.73
N TYR C 302 19.08 40.18 -12.51
CA TYR C 302 20.32 39.39 -12.56
C TYR C 302 20.33 38.29 -11.50
N ILE C 303 19.91 38.61 -10.28
CA ILE C 303 19.87 37.61 -9.20
C ILE C 303 18.83 36.52 -9.53
N GLN C 304 17.70 36.93 -10.11
CA GLN C 304 16.69 35.96 -10.55
C GLN C 304 17.22 35.06 -11.67
N ALA C 305 18.02 35.64 -12.57
CA ALA C 305 18.63 34.85 -13.64
C ALA C 305 19.67 33.88 -13.10
N GLN C 306 20.48 34.32 -12.12
CA GLN C 306 21.47 33.44 -11.50
C GLN C 306 20.82 32.29 -10.74
N PHE C 307 19.66 32.52 -10.13
CA PHE C 307 18.96 31.42 -9.49
C PHE C 307 18.30 30.49 -10.51
N GLU C 308 17.73 31.05 -11.59
CA GLU C 308 17.12 30.21 -12.61
C GLU C 308 18.13 29.43 -13.44
N SER C 309 19.39 29.88 -13.49
CA SER C 309 20.45 29.21 -14.25
C SER C 309 20.75 27.81 -13.72
N LYS C 310 20.48 27.54 -12.45
CA LYS C 310 21.09 26.39 -11.76
C LYS C 310 20.52 25.06 -12.23
N ASN C 311 19.21 24.98 -12.50
CA ASN C 311 18.62 23.71 -12.88
C ASN C 311 19.00 23.29 -14.29
N ARG C 312 19.20 21.98 -14.47
CA ARG C 312 19.49 21.41 -15.79
C ARG C 312 18.48 20.34 -16.18
N SER C 313 17.30 20.34 -15.56
CA SER C 313 16.24 19.40 -15.90
C SER C 313 15.07 20.14 -16.53
N PRO C 314 14.61 19.73 -17.72
CA PRO C 314 13.46 20.39 -18.34
C PRO C 314 12.12 20.07 -17.67
N ASN C 315 12.07 19.11 -16.76
CA ASN C 315 10.80 18.73 -16.14
C ASN C 315 10.28 19.81 -15.18
N LYS C 316 11.16 20.34 -14.33
CA LYS C 316 10.73 21.29 -13.32
C LYS C 316 10.91 22.72 -13.80
N GLU C 317 10.04 23.60 -13.32
CA GLU C 317 10.07 25.02 -13.66
C GLU C 317 10.16 25.84 -12.37
N ILE C 318 11.11 26.78 -12.34
CA ILE C 318 11.30 27.63 -11.17
C ILE C 318 10.28 28.76 -11.22
N TYR C 319 9.41 28.83 -10.23
CA TYR C 319 8.39 29.89 -10.14
C TYR C 319 8.91 30.97 -9.21
N CYS C 320 9.53 32.00 -9.79
CA CYS C 320 10.12 33.08 -9.01
C CYS C 320 9.09 34.15 -8.68
N HIS C 321 9.17 34.67 -7.47
CA HIS C 321 8.34 35.79 -7.05
C HIS C 321 9.06 36.58 -5.97
N MET C 322 8.98 37.90 -6.05
CA MET C 322 9.65 38.78 -5.10
C MET C 322 8.66 39.23 -4.03
N THR C 323 9.00 39.02 -2.77
CA THR C 323 8.10 39.32 -1.66
C THR C 323 8.69 40.40 -0.75
N CYS C 324 7.89 40.82 0.22
CA CYS C 324 8.26 41.84 1.18
C CYS C 324 7.76 41.43 2.55
N SER C 325 8.14 42.22 3.56
CA SER C 325 7.69 42.00 4.94
C SER C 325 6.17 42.04 5.05
N THR C 326 5.54 43.03 4.44
CA THR C 326 4.09 43.21 4.50
C THR C 326 3.50 43.02 3.11
N ASP C 327 3.00 41.81 2.82
CA ASP C 327 2.34 41.48 1.57
C ASP C 327 1.17 40.56 1.85
N THR C 328 0.14 40.66 1.00
CA THR C 328 -1.04 39.81 1.11
C THR C 328 -1.31 38.98 -0.14
N ASN C 329 -0.50 39.11 -1.18
CA ASN C 329 -0.70 38.40 -2.44
C ASN C 329 0.03 37.06 -2.48
N ASN C 330 0.74 36.71 -1.40
CA ASN C 330 1.54 35.48 -1.37
C ASN C 330 0.68 34.24 -1.49
N ILE C 331 -0.48 34.23 -0.83
CA ILE C 331 -1.41 33.10 -0.92
C ILE C 331 -1.89 32.91 -2.35
N GLN C 332 -2.16 34.03 -3.04
CA GLN C 332 -2.57 34.01 -4.44
C GLN C 332 -1.47 33.42 -5.33
N VAL C 333 -0.25 33.96 -5.20
CA VAL C 333 0.93 33.46 -5.92
C VAL C 333 1.11 31.95 -5.72
N VAL C 334 1.03 31.49 -4.46
CA VAL C 334 1.20 30.07 -4.14
C VAL C 334 0.08 29.24 -4.76
N PHE C 335 -1.16 29.76 -4.74
CA PHE C 335 -2.29 29.04 -5.32
C PHE C 335 -2.15 28.90 -6.83
N ASP C 336 -1.75 29.98 -7.50
CA ASP C 336 -1.54 29.94 -8.95
C ASP C 336 -0.40 29.00 -9.32
N ALA C 337 0.69 29.02 -8.55
CA ALA C 337 1.84 28.18 -8.87
C ALA C 337 1.54 26.71 -8.63
N VAL C 338 0.84 26.38 -7.54
CA VAL C 338 0.50 24.99 -7.26
C VAL C 338 -0.54 24.48 -8.26
N THR C 339 -1.47 25.36 -8.67
CA THR C 339 -2.42 25.02 -9.74
C THR C 339 -1.70 24.68 -11.05
N ASP C 340 -0.74 25.53 -11.44
CA ASP C 340 0.09 25.27 -12.62
C ASP C 340 0.84 23.94 -12.51
N ILE C 341 1.43 23.68 -11.34
CA ILE C 341 2.21 22.45 -11.14
C ILE C 341 1.30 21.22 -11.20
N ILE C 342 0.07 21.32 -10.67
CA ILE C 342 -0.85 20.18 -10.69
C ILE C 342 -1.35 19.91 -12.11
N ILE C 343 -1.67 20.97 -12.86
CA ILE C 343 -2.08 20.80 -14.26
C ILE C 343 -0.93 20.21 -15.09
N ALA C 344 0.29 20.70 -14.88
CA ALA C 344 1.45 20.16 -15.59
C ALA C 344 1.73 18.70 -15.22
N ASN C 345 1.51 18.34 -13.95
CA ASN C 345 1.70 16.95 -13.54
C ASN C 345 0.64 16.04 -14.15
N ASN C 346 -0.60 16.52 -14.22
CA ASN C 346 -1.67 15.75 -14.87
C ASN C 346 -1.37 15.53 -16.35
N LEU C 347 -0.96 16.60 -17.05
CA LEU C 347 -0.60 16.50 -18.46
C LEU C 347 0.60 15.56 -18.68
N ARG C 348 1.61 15.62 -17.80
CA ARG C 348 2.76 14.72 -17.93
C ARG C 348 2.36 13.28 -17.62
N GLY C 349 1.44 13.07 -16.68
CA GLY C 349 0.97 11.72 -16.39
C GLY C 349 0.17 11.14 -17.53
N CYS C 350 -0.64 11.96 -18.18
CA CYS C 350 -1.42 11.52 -19.34
C CYS C 350 -0.57 11.40 -20.60
N GLY C 351 0.68 11.83 -20.58
CA GLY C 351 1.57 11.68 -21.72
C GLY C 351 1.54 12.82 -22.72
N LEU C 352 0.84 13.90 -22.42
CA LEU C 352 0.66 14.99 -23.39
C LEU C 352 1.80 16.01 -23.34
N TYR C 353 2.12 16.51 -22.15
CA TYR C 353 3.13 17.56 -22.01
C TYR C 353 4.54 17.01 -22.16
N GLU D 37 47.39 23.89 24.77
CA GLU D 37 47.91 22.56 25.06
C GLU D 37 47.37 21.53 24.07
N LEU D 38 46.72 22.03 23.01
CA LEU D 38 46.06 21.18 22.03
C LEU D 38 47.04 20.34 21.21
N ASP D 39 48.29 20.79 21.08
CA ASP D 39 49.25 20.10 20.22
C ASP D 39 49.65 18.75 20.81
N GLN D 40 50.01 18.73 22.10
CA GLN D 40 50.37 17.48 22.74
C GLN D 40 49.17 16.55 22.90
N LEU D 41 47.96 17.12 23.01
CA LEU D 41 46.75 16.31 23.07
C LEU D 41 46.50 15.62 21.73
N ARG D 42 46.64 16.35 20.61
CA ARG D 42 46.44 15.74 19.31
C ARG D 42 47.54 14.73 18.98
N GLN D 43 48.78 14.99 19.43
CA GLN D 43 49.86 14.03 19.22
C GLN D 43 49.65 12.76 20.04
N GLU D 44 49.24 12.91 21.30
CA GLU D 44 48.91 11.77 22.14
C GLU D 44 47.75 10.96 21.57
N ALA D 45 46.74 11.64 21.02
CA ALA D 45 45.61 10.94 20.40
C ALA D 45 46.05 10.17 19.15
N GLU D 46 46.96 10.74 18.36
CA GLU D 46 47.47 10.03 17.19
C GLU D 46 48.34 8.85 17.60
N GLN D 47 49.11 8.99 18.69
CA GLN D 47 49.90 7.88 19.21
C GLN D 47 49.01 6.75 19.73
N LEU D 48 47.91 7.10 20.42
CA LEU D 48 46.97 6.09 20.90
C LEU D 48 46.29 5.38 19.72
N LYS D 49 45.94 6.11 18.66
CA LYS D 49 45.31 5.46 17.52
C LYS D 49 46.30 4.62 16.72
N ASN D 50 47.59 4.99 16.75
CA ASN D 50 48.62 4.14 16.16
C ASN D 50 48.82 2.88 16.99
N GLN D 51 48.81 3.01 18.32
CA GLN D 51 48.88 1.85 19.21
C GLN D 51 47.71 0.89 18.98
N ILE D 52 46.51 1.43 18.77
CA ILE D 52 45.34 0.59 18.53
C ILE D 52 45.43 -0.09 17.17
N ARG D 53 45.95 0.63 16.16
CA ARG D 53 46.13 0.02 14.84
C ARG D 53 47.22 -1.05 14.86
N ASP D 54 48.27 -0.83 15.65
CA ASP D 54 49.33 -1.83 15.80
C ASP D 54 48.81 -3.08 16.51
N ALA D 55 48.01 -2.90 17.57
CA ALA D 55 47.39 -4.03 18.26
C ALA D 55 46.45 -4.80 17.34
N ARG D 56 45.71 -4.10 16.47
CA ARG D 56 44.81 -4.78 15.56
C ARG D 56 45.57 -5.51 14.44
N LYS D 57 46.71 -4.97 14.02
CA LYS D 57 47.53 -5.69 13.06
C LYS D 57 48.26 -6.87 13.69
N ALA D 58 48.57 -6.78 14.99
CA ALA D 58 49.22 -7.87 15.70
C ALA D 58 48.26 -9.03 15.94
N CYS D 59 47.02 -8.72 16.34
CA CYS D 59 46.03 -9.77 16.61
C CYS D 59 45.60 -10.52 15.36
N ALA D 60 45.78 -9.95 14.18
CA ALA D 60 45.33 -10.57 12.92
C ALA D 60 46.30 -11.65 12.48
N ASP D 61 46.26 -12.77 13.20
CA ASP D 61 47.11 -13.92 12.85
C ASP D 61 46.69 -14.52 11.52
N ALA D 62 45.38 -14.68 11.31
CA ALA D 62 44.86 -15.25 10.06
C ALA D 62 43.48 -14.67 9.81
N THR D 63 43.05 -14.73 8.55
CA THR D 63 41.74 -14.22 8.16
C THR D 63 40.69 -15.31 8.31
N LEU D 64 39.44 -14.93 8.07
CA LEU D 64 38.33 -15.87 8.17
C LEU D 64 38.09 -16.63 6.87
N SER D 65 38.33 -16.00 5.72
CA SER D 65 38.06 -16.61 4.42
C SER D 65 38.96 -17.82 4.14
N GLN D 66 40.18 -17.81 4.68
CA GLN D 66 41.12 -18.90 4.43
C GLN D 66 40.68 -20.20 5.11
N ILE D 67 40.17 -20.11 6.34
CA ILE D 67 39.89 -21.31 7.12
C ILE D 67 38.50 -21.89 6.85
N THR D 68 37.73 -21.30 5.93
CA THR D 68 36.41 -21.82 5.58
C THR D 68 36.40 -22.57 4.26
N ASN D 69 37.58 -22.95 3.75
CA ASN D 69 37.65 -23.71 2.50
C ASN D 69 37.11 -25.11 2.67
N ASN D 70 37.38 -25.75 3.82
CA ASN D 70 36.91 -27.10 4.09
C ASN D 70 35.39 -27.16 4.23
N ILE D 71 34.77 -26.04 4.63
CA ILE D 71 33.33 -26.01 4.88
C ILE D 71 32.57 -26.11 3.56
N ASP D 72 31.52 -26.94 3.54
CA ASP D 72 30.75 -27.21 2.33
C ASP D 72 29.85 -26.01 2.02
N PRO D 73 29.67 -25.68 0.74
CA PRO D 73 28.82 -24.54 0.38
C PRO D 73 27.34 -24.84 0.63
N VAL D 74 26.58 -23.77 0.89
CA VAL D 74 25.18 -23.91 1.24
C VAL D 74 24.35 -24.27 0.00
N GLY D 75 24.65 -23.64 -1.13
CA GLY D 75 23.93 -23.93 -2.35
C GLY D 75 22.72 -23.04 -2.53
N ARG D 76 21.86 -23.46 -3.45
CA ARG D 76 20.69 -22.67 -3.84
C ARG D 76 19.66 -22.61 -2.71
N ILE D 77 19.12 -21.42 -2.50
CA ILE D 77 18.09 -21.18 -1.48
C ILE D 77 16.86 -20.69 -2.23
N GLN D 78 15.98 -21.62 -2.59
CA GLN D 78 14.72 -21.28 -3.24
C GLN D 78 13.70 -20.84 -2.20
N MET D 79 13.35 -19.56 -2.20
CA MET D 79 12.32 -19.02 -1.32
C MET D 79 11.22 -18.41 -2.16
N ARG D 80 9.97 -18.64 -1.75
CA ARG D 80 8.80 -18.11 -2.42
C ARG D 80 7.94 -17.31 -1.44
N THR D 81 7.17 -16.38 -1.97
CA THR D 81 6.29 -15.55 -1.16
C THR D 81 5.06 -16.36 -0.74
N ARG D 82 4.84 -16.48 0.57
CA ARG D 82 3.70 -17.20 1.11
C ARG D 82 2.49 -16.29 1.28
N ARG D 83 2.66 -15.20 2.03
CA ARG D 83 1.60 -14.25 2.27
C ARG D 83 2.01 -12.88 1.74
N THR D 84 1.01 -12.03 1.49
CA THR D 84 1.23 -10.67 1.04
C THR D 84 0.28 -9.74 1.79
N LEU D 85 0.84 -8.78 2.52
CA LEU D 85 0.06 -7.88 3.35
C LEU D 85 -0.06 -6.54 2.61
N ARG D 86 -1.31 -6.13 2.34
CA ARG D 86 -1.58 -4.90 1.59
C ARG D 86 -2.65 -4.06 2.34
N GLY D 87 -2.21 -3.42 3.42
CA GLY D 87 -3.09 -2.53 4.15
C GLY D 87 -2.63 -1.09 4.23
N HIS D 88 -1.50 -0.80 3.61
CA HIS D 88 -0.93 0.54 3.64
C HIS D 88 -1.18 1.26 2.33
N LEU D 89 -1.44 2.56 2.41
CA LEU D 89 -1.61 3.39 1.23
C LEU D 89 -0.38 4.25 0.95
N ALA D 90 0.67 4.12 1.75
CA ALA D 90 1.90 4.87 1.61
C ALA D 90 3.07 3.93 1.88
N LYS D 91 4.28 4.42 1.59
CA LYS D 91 5.49 3.63 1.77
C LYS D 91 5.71 3.22 3.22
N ILE D 92 6.10 1.96 3.42
CA ILE D 92 6.36 1.39 4.73
C ILE D 92 7.80 1.73 5.12
N TYR D 93 8.00 2.15 6.37
CA TYR D 93 9.35 2.50 6.81
C TYR D 93 10.04 1.44 7.66
N ALA D 94 9.34 0.80 8.60
CA ALA D 94 10.00 -0.16 9.47
C ALA D 94 9.01 -1.25 9.87
N MET D 95 9.53 -2.25 10.57
CA MET D 95 8.73 -3.35 11.08
C MET D 95 9.49 -4.03 12.21
N HIS D 96 8.79 -4.88 12.95
CA HIS D 96 9.37 -5.61 14.07
C HIS D 96 8.52 -6.83 14.36
N TRP D 97 9.17 -7.98 14.54
CA TRP D 97 8.48 -9.22 14.85
C TRP D 97 8.24 -9.37 16.35
N GLY D 98 7.19 -10.11 16.69
CA GLY D 98 6.95 -10.48 18.07
C GLY D 98 7.75 -11.70 18.48
N THR D 99 7.79 -11.93 19.80
CA THR D 99 8.53 -13.08 20.32
C THR D 99 7.80 -14.40 20.08
N ASP D 100 6.48 -14.35 19.90
CA ASP D 100 5.72 -15.56 19.60
C ASP D 100 5.72 -15.92 18.11
N SER D 101 6.41 -15.13 17.29
CA SER D 101 6.49 -15.30 15.83
C SER D 101 5.13 -15.29 15.16
N ARG D 102 4.19 -14.51 15.72
CA ARG D 102 2.81 -14.49 15.24
C ARG D 102 2.40 -13.12 14.72
N LEU D 103 2.58 -12.07 15.50
CA LEU D 103 2.16 -10.72 15.14
C LEU D 103 3.33 -9.92 14.61
N LEU D 104 3.02 -8.87 13.84
CA LEU D 104 4.08 -7.97 13.40
C LEU D 104 3.55 -6.54 13.27
N VAL D 105 4.39 -5.58 13.66
CA VAL D 105 4.04 -4.16 13.58
C VAL D 105 4.59 -3.62 12.26
N SER D 106 3.89 -2.65 11.66
CA SER D 106 4.42 -1.95 10.49
C SER D 106 3.95 -0.50 10.49
N ALA D 107 4.88 0.42 10.24
CA ALA D 107 4.61 1.85 10.23
C ALA D 107 4.65 2.40 8.81
N SER D 108 3.74 3.32 8.49
CA SER D 108 3.69 3.89 7.15
C SER D 108 3.65 5.41 7.17
N GLN D 109 3.96 5.99 6.00
CA GLN D 109 4.05 7.44 5.84
C GLN D 109 2.70 8.13 6.01
N ASP D 110 1.60 7.46 5.66
CA ASP D 110 0.28 8.08 5.75
C ASP D 110 -0.20 8.28 7.18
N GLY D 111 0.48 7.73 8.17
CA GLY D 111 0.15 7.92 9.55
C GLY D 111 -0.53 6.75 10.20
N LYS D 112 -0.23 5.53 9.77
CA LYS D 112 -0.85 4.33 10.32
C LYS D 112 0.22 3.38 10.84
N LEU D 113 -0.09 2.77 11.99
CA LEU D 113 0.75 1.78 12.65
C LEU D 113 -0.07 0.51 12.76
N ILE D 114 0.07 -0.40 11.80
CA ILE D 114 -0.80 -1.55 11.67
C ILE D 114 -0.10 -2.77 12.24
N ILE D 115 -0.81 -3.52 13.10
CA ILE D 115 -0.30 -4.73 13.72
C ILE D 115 -1.03 -5.90 13.07
N TRP D 116 -0.30 -6.63 12.23
CA TRP D 116 -0.75 -7.72 11.38
C TRP D 116 -0.62 -9.07 12.07
N ASP D 117 -1.41 -10.02 11.58
CA ASP D 117 -1.30 -11.44 11.88
C ASP D 117 -0.79 -12.11 10.61
N SER D 118 0.43 -12.63 10.66
CA SER D 118 1.17 -12.97 9.45
C SER D 118 0.66 -14.24 8.77
N TYR D 119 0.01 -15.15 9.51
CA TYR D 119 -0.43 -16.41 8.91
C TYR D 119 -1.68 -16.24 8.05
N THR D 120 -2.74 -15.67 8.62
CA THR D 120 -4.03 -15.61 7.95
C THR D 120 -4.38 -14.22 7.44
N THR D 121 -3.39 -13.31 7.40
CA THR D 121 -3.48 -11.95 6.84
C THR D 121 -4.65 -11.15 7.43
N ASN D 122 -4.83 -11.24 8.74
CA ASN D 122 -5.86 -10.49 9.43
C ASN D 122 -5.23 -9.32 10.18
N LYS D 123 -5.82 -8.14 10.02
CA LYS D 123 -5.37 -6.96 10.76
C LYS D 123 -5.83 -7.07 12.20
N VAL D 124 -4.88 -7.19 13.11
CA VAL D 124 -5.22 -7.29 14.53
C VAL D 124 -5.40 -5.90 15.14
N HIS D 125 -4.54 -4.96 14.80
CA HIS D 125 -4.72 -3.58 15.25
C HIS D 125 -4.34 -2.60 14.14
N ALA D 126 -4.91 -1.40 14.25
CA ALA D 126 -4.53 -0.28 13.38
C ALA D 126 -4.55 0.99 14.23
N ILE D 127 -3.37 1.55 14.48
CA ILE D 127 -3.23 2.71 15.36
C ILE D 127 -3.11 3.95 14.48
N PRO D 128 -4.04 4.91 14.56
CA PRO D 128 -3.86 6.20 13.90
C PRO D 128 -2.86 7.04 14.67
N LEU D 129 -1.94 7.66 13.95
CA LEU D 129 -0.80 8.34 14.55
C LEU D 129 -0.98 9.85 14.49
N ARG D 130 -0.34 10.54 15.43
CA ARG D 130 -0.42 12.00 15.46
C ARG D 130 0.44 12.61 14.35
N SER D 131 1.73 12.28 14.35
CA SER D 131 2.62 12.69 13.27
C SER D 131 2.64 11.62 12.21
N SER D 132 2.46 12.03 10.95
CA SER D 132 2.49 11.08 9.84
C SER D 132 3.88 10.49 9.61
N TRP D 133 4.94 11.26 9.87
CA TRP D 133 6.30 10.77 9.67
C TRP D 133 6.70 9.89 10.85
N VAL D 134 6.78 8.59 10.60
CA VAL D 134 7.25 7.62 11.59
C VAL D 134 8.28 6.74 10.88
N MET D 135 9.53 6.78 11.38
CA MET D 135 10.64 6.11 10.73
C MET D 135 11.07 4.82 11.42
N THR D 136 10.44 4.47 12.55
CA THR D 136 10.82 3.27 13.28
C THR D 136 9.66 2.82 14.15
N CYS D 137 9.68 1.54 14.52
CA CYS D 137 8.64 0.97 15.36
C CYS D 137 9.18 -0.30 16.01
N ALA D 138 8.69 -0.57 17.22
CA ALA D 138 9.18 -1.68 18.01
C ALA D 138 8.03 -2.34 18.74
N TYR D 139 8.19 -3.63 19.00
CA TYR D 139 7.18 -4.44 19.67
C TYR D 139 7.80 -5.03 20.93
N ALA D 140 7.14 -4.81 22.08
CA ALA D 140 7.62 -5.26 23.36
C ALA D 140 7.78 -6.78 23.41
N PRO D 141 8.77 -7.29 24.15
CA PRO D 141 8.90 -8.75 24.28
C PRO D 141 7.78 -9.39 25.08
N SER D 142 7.16 -8.66 26.01
CA SER D 142 5.96 -9.17 26.65
C SER D 142 4.77 -9.10 25.70
N GLY D 143 4.73 -8.11 24.82
CA GLY D 143 3.66 -7.96 23.86
C GLY D 143 2.60 -6.95 24.23
N ASN D 144 2.86 -6.09 25.20
CA ASN D 144 1.86 -5.14 25.70
C ASN D 144 1.97 -3.76 25.04
N TYR D 145 3.18 -3.28 24.76
CA TYR D 145 3.39 -1.92 24.32
C TYR D 145 4.01 -1.90 22.93
N VAL D 146 3.71 -0.85 22.18
CA VAL D 146 4.30 -0.61 20.85
C VAL D 146 4.76 0.84 20.78
N ALA D 147 6.02 1.05 20.46
CA ALA D 147 6.57 2.40 20.35
C ALA D 147 6.75 2.78 18.88
N CYS D 148 6.81 4.10 18.65
CA CYS D 148 7.00 4.63 17.32
C CYS D 148 7.47 6.08 17.40
N GLY D 149 8.42 6.44 16.54
CA GLY D 149 8.96 7.78 16.52
C GLY D 149 9.32 8.20 15.12
N GLY D 150 9.62 9.49 14.96
CA GLY D 150 9.90 10.04 13.66
C GLY D 150 10.44 11.46 13.68
N LEU D 151 9.96 12.29 12.75
CA LEU D 151 10.42 13.67 12.65
C LEU D 151 9.83 14.59 13.71
N ASP D 152 8.80 14.15 14.44
CA ASP D 152 8.21 14.95 15.49
C ASP D 152 9.02 14.98 16.78
N ASN D 153 10.14 14.25 16.83
CA ASN D 153 11.13 14.18 17.90
C ASN D 153 10.57 13.58 19.19
N ILE D 154 9.38 12.95 19.13
CA ILE D 154 8.70 12.41 20.29
C ILE D 154 8.47 10.93 20.06
N CYS D 155 8.88 10.11 21.03
CA CYS D 155 8.66 8.67 20.99
C CYS D 155 7.32 8.36 21.66
N SER D 156 6.35 7.91 20.86
CA SER D 156 5.01 7.62 21.36
C SER D 156 4.89 6.12 21.60
N ILE D 157 4.59 5.76 22.85
CA ILE D 157 4.41 4.37 23.26
C ILE D 157 2.93 4.16 23.54
N TYR D 158 2.34 3.20 22.83
CA TYR D 158 0.93 2.85 22.92
C TYR D 158 0.78 1.54 23.67
N ASN D 159 -0.37 1.40 24.35
CA ASN D 159 -0.70 0.22 25.13
C ASN D 159 -1.78 -0.57 24.40
N LEU D 160 -1.58 -1.88 24.30
CA LEU D 160 -2.46 -2.72 23.49
C LEU D 160 -3.53 -3.43 24.30
N LYS D 161 -3.34 -3.61 25.60
CA LYS D 161 -4.30 -4.33 26.45
C LYS D 161 -4.88 -3.35 27.46
N THR D 162 -6.13 -2.97 27.25
CA THR D 162 -6.84 -2.04 28.12
C THR D 162 -8.24 -2.59 28.40
N ARG D 163 -8.87 -2.06 29.44
CA ARG D 163 -10.25 -2.43 29.73
C ARG D 163 -11.23 -1.78 28.76
N GLU D 164 -10.87 -0.66 28.15
CA GLU D 164 -11.74 -0.01 27.18
C GLU D 164 -11.76 -0.77 25.85
N GLY D 165 -10.67 -1.42 25.50
CA GLY D 165 -10.57 -2.15 24.25
C GLY D 165 -10.13 -1.33 23.06
N ASN D 166 -9.82 -0.05 23.26
CA ASN D 166 -9.35 0.84 22.21
C ASN D 166 -7.93 1.26 22.55
N VAL D 167 -7.00 1.06 21.60
CA VAL D 167 -5.63 1.50 21.78
C VAL D 167 -5.57 3.02 21.97
N ARG D 168 -4.73 3.46 22.91
CA ARG D 168 -4.60 4.86 23.26
C ARG D 168 -3.15 5.18 23.58
N VAL D 169 -2.85 6.47 23.62
CA VAL D 169 -1.50 6.93 23.97
C VAL D 169 -1.22 6.61 25.43
N SER D 170 -0.11 5.93 25.68
CA SER D 170 0.30 5.57 27.02
C SER D 170 1.46 6.42 27.53
N ARG D 171 2.44 6.72 26.67
CA ARG D 171 3.61 7.48 27.11
C ARG D 171 4.15 8.28 25.93
N GLU D 172 4.57 9.51 26.19
CA GLU D 172 5.23 10.34 25.20
C GLU D 172 6.59 10.78 25.75
N LEU D 173 7.65 10.47 25.00
CA LEU D 173 9.02 10.73 25.44
C LEU D 173 9.62 11.80 24.55
N ALA D 174 9.95 12.95 25.13
CA ALA D 174 10.45 14.11 24.39
C ALA D 174 11.65 14.68 25.13
N GLY D 175 12.85 14.24 24.74
CA GLY D 175 14.08 14.79 25.28
C GLY D 175 15.22 14.84 24.29
N HIS D 176 14.89 14.81 23.01
CA HIS D 176 15.89 14.86 21.95
C HIS D 176 15.66 16.08 21.07
N THR D 177 16.75 16.57 20.47
CA THR D 177 16.71 17.68 19.53
C THR D 177 16.96 17.23 18.09
N GLY D 178 17.01 15.92 17.84
CA GLY D 178 17.12 15.41 16.50
C GLY D 178 16.07 14.35 16.24
N TYR D 179 15.96 13.96 14.98
CA TYR D 179 14.92 13.02 14.57
C TYR D 179 15.22 11.62 15.09
N LEU D 180 14.17 10.94 15.55
CA LEU D 180 14.33 9.63 16.18
C LEU D 180 14.43 8.57 15.09
N SER D 181 15.55 7.86 15.05
CA SER D 181 15.83 6.93 13.96
C SER D 181 15.51 5.49 14.29
N CYS D 182 15.67 5.07 15.54
CA CYS D 182 15.43 3.69 15.92
C CYS D 182 15.11 3.62 17.41
N CYS D 183 14.36 2.60 17.79
CA CYS D 183 14.07 2.31 19.20
C CYS D 183 13.82 0.82 19.35
N ARG D 184 14.27 0.26 20.48
CA ARG D 184 14.10 -1.15 20.79
C ARG D 184 13.80 -1.31 22.27
N PHE D 185 12.98 -2.30 22.60
CA PHE D 185 12.54 -2.56 23.97
C PHE D 185 13.48 -3.54 24.65
N LEU D 186 14.24 -3.06 25.65
CA LEU D 186 14.95 -3.98 26.53
C LEU D 186 13.96 -4.78 27.37
N ASP D 187 12.96 -4.08 27.92
CA ASP D 187 11.88 -4.65 28.72
C ASP D 187 10.74 -3.64 28.70
N ASP D 188 9.66 -3.97 29.40
CA ASP D 188 8.51 -3.08 29.49
C ASP D 188 8.88 -1.76 30.18
N ASN D 189 9.73 -1.82 31.21
CA ASN D 189 10.10 -0.60 31.95
C ASN D 189 10.99 0.34 31.15
N GLN D 190 12.01 -0.19 30.47
CA GLN D 190 13.07 0.64 29.87
C GLN D 190 13.15 0.45 28.37
N ILE D 191 13.30 1.56 27.64
CA ILE D 191 13.43 1.54 26.18
C ILE D 191 14.66 2.32 25.75
N VAL D 192 15.50 1.69 24.92
CA VAL D 192 16.67 2.35 24.34
C VAL D 192 16.25 3.03 23.04
N THR D 193 16.56 4.32 22.91
CA THR D 193 16.20 5.10 21.73
C THR D 193 17.44 5.74 21.13
N SER D 194 17.43 5.92 19.81
CA SER D 194 18.53 6.52 19.06
C SER D 194 18.01 7.71 18.28
N SER D 195 18.66 8.86 18.42
CA SER D 195 18.14 10.08 17.82
C SER D 195 19.13 10.66 16.82
N GLY D 196 18.69 11.71 16.13
CA GLY D 196 19.46 12.38 15.11
C GLY D 196 20.31 13.54 15.60
N ASP D 197 20.39 13.76 16.92
CA ASP D 197 21.31 14.74 17.49
C ASP D 197 22.57 14.08 18.04
N THR D 198 23.04 13.01 17.37
CA THR D 198 24.25 12.25 17.70
C THR D 198 24.17 11.63 19.10
N THR D 199 22.98 11.24 19.55
CA THR D 199 22.78 10.73 20.91
C THR D 199 21.96 9.45 20.90
N CYS D 200 22.21 8.63 21.92
CA CYS D 200 21.30 7.57 22.32
C CYS D 200 20.87 7.80 23.76
N ALA D 201 19.71 7.26 24.13
CA ALA D 201 19.18 7.48 25.46
C ALA D 201 18.47 6.24 25.97
N LEU D 202 18.70 5.92 27.24
CA LEU D 202 17.90 4.93 27.94
C LEU D 202 16.77 5.64 28.67
N TRP D 203 15.54 5.28 28.34
CA TRP D 203 14.35 5.90 28.91
C TRP D 203 13.66 4.94 29.85
N ASP D 204 13.11 5.50 30.92
CA ASP D 204 12.23 4.78 31.84
C ASP D 204 10.80 5.22 31.52
N ILE D 205 9.97 4.28 31.08
CA ILE D 205 8.66 4.60 30.55
C ILE D 205 7.70 5.03 31.65
N GLU D 206 7.91 4.52 32.88
CA GLU D 206 7.05 4.87 34.00
C GLU D 206 7.23 6.33 34.41
N THR D 207 8.47 6.73 34.71
CA THR D 207 8.73 8.10 35.14
C THR D 207 8.73 9.07 33.97
N GLY D 208 9.29 8.66 32.84
CA GLY D 208 9.32 9.50 31.65
C GLY D 208 10.56 10.34 31.49
N GLN D 209 11.68 9.92 32.08
CA GLN D 209 12.91 10.69 32.06
C GLN D 209 14.05 9.83 31.53
N GLN D 210 15.11 10.49 31.08
CA GLN D 210 16.29 9.79 30.59
C GLN D 210 17.08 9.20 31.75
N THR D 211 17.23 7.88 31.76
CA THR D 211 18.03 7.22 32.79
C THR D 211 19.51 7.52 32.59
N THR D 212 20.02 7.20 31.39
CA THR D 212 21.40 7.51 31.04
C THR D 212 21.45 7.89 29.56
N THR D 213 22.52 8.59 29.21
CA THR D 213 22.72 9.09 27.85
C THR D 213 24.00 8.52 27.27
N PHE D 214 24.04 8.47 25.94
CA PHE D 214 25.16 7.89 25.20
C PHE D 214 25.57 8.92 24.15
N THR D 215 26.65 9.64 24.41
CA THR D 215 27.11 10.76 23.57
C THR D 215 28.57 10.47 23.20
N GLY D 216 28.77 9.73 22.13
CA GLY D 216 30.11 9.43 21.65
C GLY D 216 30.22 9.58 20.15
N HIS D 217 29.09 9.80 19.49
CA HIS D 217 29.04 9.90 18.04
C HIS D 217 29.22 11.35 17.58
N THR D 218 29.58 11.50 16.31
CA THR D 218 29.63 12.80 15.66
C THR D 218 28.65 12.93 14.51
N GLY D 219 28.13 11.83 13.98
CA GLY D 219 27.12 11.85 12.94
C GLY D 219 25.78 11.30 13.43
N ASP D 220 24.81 11.32 12.53
CA ASP D 220 23.45 10.90 12.86
C ASP D 220 23.41 9.39 13.06
N VAL D 221 22.97 8.95 14.24
CA VAL D 221 22.98 7.53 14.58
C VAL D 221 21.75 6.89 13.95
N MET D 222 21.96 5.98 13.01
CA MET D 222 20.85 5.48 12.19
C MET D 222 20.14 4.27 12.79
N SER D 223 20.87 3.31 13.34
CA SER D 223 20.23 2.10 13.85
C SER D 223 21.04 1.51 14.99
N LEU D 224 20.34 0.72 15.82
CA LEU D 224 20.95 0.00 16.92
C LEU D 224 20.43 -1.44 16.89
N SER D 225 21.15 -2.32 17.58
CA SER D 225 20.76 -3.73 17.65
C SER D 225 21.14 -4.26 19.03
N LEU D 226 20.14 -4.62 19.82
CA LEU D 226 20.37 -5.10 21.18
C LEU D 226 20.99 -6.49 21.18
N ALA D 227 21.80 -6.75 22.21
CA ALA D 227 22.24 -8.10 22.50
C ALA D 227 21.08 -8.93 23.03
N PRO D 228 21.13 -10.26 22.89
CA PRO D 228 20.07 -11.11 23.46
C PRO D 228 20.02 -11.09 24.99
N ASP D 229 21.16 -10.93 25.66
CA ASP D 229 21.18 -10.84 27.12
C ASP D 229 20.97 -9.43 27.64
N THR D 230 20.81 -8.44 26.75
CA THR D 230 20.56 -7.02 27.05
C THR D 230 21.66 -6.41 27.93
N ARG D 231 22.90 -6.88 27.77
CA ARG D 231 24.02 -6.33 28.50
C ARG D 231 24.69 -5.17 27.75
N LEU D 232 24.94 -5.35 26.46
CA LEU D 232 25.57 -4.37 25.60
C LEU D 232 24.67 -4.08 24.41
N PHE D 233 24.97 -2.99 23.69
CA PHE D 233 24.32 -2.79 22.40
C PHE D 233 25.27 -2.02 21.47
N VAL D 234 25.11 -2.28 20.18
CA VAL D 234 25.92 -1.66 19.15
C VAL D 234 25.11 -0.57 18.47
N SER D 235 25.81 0.45 17.96
CA SER D 235 25.13 1.59 17.34
C SER D 235 25.96 2.13 16.19
N GLY D 236 25.38 2.10 14.99
CA GLY D 236 26.01 2.64 13.80
C GLY D 236 25.49 4.03 13.48
N ALA D 237 26.40 4.92 13.12
CA ALA D 237 26.06 6.31 12.84
C ALA D 237 26.55 6.72 11.45
N CYS D 238 26.45 8.02 11.16
CA CYS D 238 26.87 8.60 9.89
C CYS D 238 28.32 9.09 9.92
N ASP D 239 29.09 8.71 10.95
CA ASP D 239 30.52 8.98 10.99
C ASP D 239 31.34 7.79 10.51
N ALA D 240 30.69 6.79 9.91
CA ALA D 240 31.29 5.57 9.38
C ALA D 240 32.01 4.78 10.47
N SER D 241 31.43 4.75 11.66
CA SER D 241 31.99 4.02 12.78
C SER D 241 30.88 3.56 13.71
N ALA D 242 30.95 2.31 14.13
CA ALA D 242 30.01 1.73 15.07
C ALA D 242 30.60 1.71 16.47
N LYS D 243 29.78 2.01 17.47
CA LYS D 243 30.20 2.00 18.86
C LYS D 243 29.53 0.87 19.62
N LEU D 244 30.23 0.35 20.62
CA LEU D 244 29.70 -0.66 21.53
C LEU D 244 29.45 -0.02 22.89
N TRP D 245 28.18 0.25 23.19
CA TRP D 245 27.80 0.90 24.43
C TRP D 245 27.35 -0.13 25.46
N ASP D 246 27.53 0.22 26.74
CA ASP D 246 27.06 -0.57 27.86
C ASP D 246 25.82 0.09 28.44
N VAL D 247 24.79 -0.73 28.70
CA VAL D 247 23.52 -0.20 29.19
C VAL D 247 23.66 0.29 30.61
N ARG D 248 24.18 -0.55 31.50
CA ARG D 248 24.19 -0.25 32.93
C ARG D 248 25.23 0.82 33.27
N GLU D 249 26.46 0.66 32.75
CA GLU D 249 27.52 1.60 33.09
C GLU D 249 27.38 2.91 32.32
N GLY D 250 27.15 2.82 31.01
CA GLY D 250 26.87 4.01 30.22
C GLY D 250 28.10 4.67 29.65
N MET D 251 29.06 3.87 29.19
CA MET D 251 30.27 4.39 28.58
C MET D 251 30.72 3.46 27.46
N CYS D 252 31.27 4.05 26.41
CA CYS D 252 31.63 3.30 25.21
C CYS D 252 32.86 2.43 25.45
N ARG D 253 32.78 1.17 25.00
CA ARG D 253 33.86 0.21 25.18
C ARG D 253 34.71 0.02 23.93
N GLN D 254 34.07 -0.14 22.76
CA GLN D 254 34.78 -0.48 21.54
C GLN D 254 34.28 0.37 20.38
N THR D 255 35.18 0.64 19.44
CA THR D 255 34.91 1.45 18.26
C THR D 255 35.37 0.69 17.02
N PHE D 256 34.50 0.63 16.01
CA PHE D 256 34.76 -0.13 14.78
C PHE D 256 34.60 0.80 13.58
N THR D 257 35.69 1.08 12.89
CA THR D 257 35.68 2.00 11.74
C THR D 257 36.31 1.31 10.54
N GLY D 258 35.47 0.82 9.64
CA GLY D 258 35.93 0.16 8.43
C GLY D 258 35.09 0.47 7.21
N HIS D 259 34.18 1.42 7.34
CA HIS D 259 33.29 1.82 6.26
C HIS D 259 33.72 3.15 5.65
N GLU D 260 33.49 3.29 4.35
CA GLU D 260 33.79 4.51 3.62
C GLU D 260 32.56 5.37 3.40
N SER D 261 31.41 4.95 3.93
CA SER D 261 30.17 5.68 3.78
C SER D 261 29.32 5.49 5.03
N ASP D 262 28.19 6.20 5.06
CA ASP D 262 27.27 6.15 6.20
C ASP D 262 26.70 4.75 6.41
N ILE D 263 26.69 4.32 7.67
CA ILE D 263 26.09 3.04 8.05
C ILE D 263 24.58 3.24 8.20
N ASN D 264 23.79 2.38 7.57
CA ASN D 264 22.34 2.52 7.62
C ASN D 264 21.67 1.54 8.59
N ALA D 265 22.13 0.30 8.65
CA ALA D 265 21.51 -0.70 9.51
C ALA D 265 22.58 -1.57 10.13
N ILE D 266 22.23 -2.19 11.26
CA ILE D 266 23.14 -3.01 12.03
C ILE D 266 22.35 -4.17 12.63
N CYS D 267 22.99 -5.34 12.73
CA CYS D 267 22.33 -6.53 13.28
C CYS D 267 23.33 -7.33 14.08
N PHE D 268 23.02 -7.53 15.36
CA PHE D 268 23.89 -8.23 16.28
C PHE D 268 23.80 -9.74 16.06
N PHE D 269 24.94 -10.43 16.16
CA PHE D 269 24.96 -11.87 15.94
C PHE D 269 24.34 -12.57 17.15
N PRO D 270 23.67 -13.72 16.95
CA PRO D 270 22.92 -14.35 18.05
C PRO D 270 23.73 -14.80 19.26
N ASN D 271 24.93 -15.36 19.08
CA ASN D 271 25.64 -15.93 20.24
C ASN D 271 26.20 -14.86 21.17
N GLY D 272 26.32 -13.62 20.70
CA GLY D 272 26.83 -12.53 21.50
C GLY D 272 28.30 -12.19 21.31
N ASN D 273 28.84 -12.40 20.10
CA ASN D 273 30.25 -12.17 19.86
C ASN D 273 30.56 -11.35 18.63
N ALA D 274 29.67 -11.28 17.64
CA ALA D 274 29.91 -10.51 16.42
C ALA D 274 28.72 -9.60 16.13
N PHE D 275 28.84 -8.82 15.05
CA PHE D 275 27.71 -8.07 14.50
C PHE D 275 28.01 -7.76 13.04
N ALA D 276 27.02 -7.22 12.34
CA ALA D 276 27.15 -6.89 10.92
C ALA D 276 26.50 -5.54 10.62
N THR D 277 27.17 -4.76 9.79
CA THR D 277 26.75 -3.41 9.42
C THR D 277 26.61 -3.30 7.91
N GLY D 278 25.59 -2.62 7.43
CA GLY D 278 25.40 -2.35 6.01
C GLY D 278 25.56 -0.86 5.72
N SER D 279 26.22 -0.55 4.60
CA SER D 279 26.52 0.85 4.29
C SER D 279 26.05 1.16 2.87
N ASP D 280 26.21 2.44 2.48
CA ASP D 280 25.77 2.91 1.17
C ASP D 280 26.76 2.62 0.06
N ASP D 281 27.96 2.14 0.36
CA ASP D 281 28.97 1.83 -0.63
C ASP D 281 28.86 0.40 -1.17
N ALA D 282 27.67 -0.20 -1.06
CA ALA D 282 27.32 -1.54 -1.51
C ALA D 282 28.07 -2.64 -0.77
N THR D 283 28.58 -2.33 0.42
CA THR D 283 29.27 -3.30 1.25
C THR D 283 28.52 -3.47 2.57
N CYS D 284 28.42 -4.72 3.02
CA CYS D 284 28.08 -4.99 4.41
C CYS D 284 29.21 -5.81 5.04
N ARG D 285 29.60 -5.42 6.24
CA ARG D 285 30.78 -5.97 6.88
C ARG D 285 30.41 -6.64 8.20
N LEU D 286 31.01 -7.79 8.44
CA LEU D 286 30.85 -8.52 9.69
C LEU D 286 32.08 -8.26 10.55
N PHE D 287 31.84 -7.63 11.71
CA PHE D 287 32.82 -7.24 12.71
C PHE D 287 32.76 -8.18 13.90
N ASP D 288 33.90 -8.34 14.57
CA ASP D 288 34.04 -9.18 15.75
C ASP D 288 34.31 -8.32 16.97
N LEU D 289 33.65 -8.64 18.09
CA LEU D 289 33.81 -7.84 19.29
C LEU D 289 35.12 -8.17 20.02
N ARG D 290 35.41 -9.47 20.18
CA ARG D 290 36.57 -9.86 20.98
C ARG D 290 37.87 -9.72 20.20
N ALA D 291 37.81 -9.78 18.87
CA ALA D 291 38.99 -9.52 18.06
C ALA D 291 39.25 -8.03 17.85
N ASP D 292 38.21 -7.20 18.08
CA ASP D 292 38.27 -5.73 18.03
C ASP D 292 38.71 -5.24 16.65
N GLN D 293 38.26 -5.95 15.61
CA GLN D 293 38.48 -5.55 14.22
C GLN D 293 37.49 -6.30 13.34
N GLU D 294 37.49 -5.95 12.07
CA GLU D 294 36.56 -6.54 11.12
C GLU D 294 36.98 -7.95 10.73
N LEU D 295 35.99 -8.79 10.44
CA LEU D 295 36.22 -10.15 9.97
C LEU D 295 36.04 -10.27 8.47
N MET D 296 34.90 -9.84 7.94
CA MET D 296 34.61 -10.16 6.55
C MET D 296 33.82 -9.02 5.90
N THR D 297 34.02 -8.85 4.59
CA THR D 297 33.41 -7.77 3.82
C THR D 297 32.65 -8.38 2.65
N TYR D 298 31.32 -8.25 2.66
CA TYR D 298 30.44 -8.81 1.64
C TYR D 298 30.12 -7.70 0.65
N SER D 299 30.58 -7.88 -0.58
CA SER D 299 30.46 -6.90 -1.65
C SER D 299 30.39 -7.63 -2.98
N HIS D 300 29.92 -6.93 -4.01
CA HIS D 300 29.82 -7.51 -5.33
C HIS D 300 30.01 -6.42 -6.37
N ASP D 301 30.61 -6.81 -7.51
CA ASP D 301 31.04 -5.83 -8.52
C ASP D 301 29.85 -5.23 -9.26
N ASN D 302 28.77 -5.98 -9.43
CA ASN D 302 27.62 -5.47 -10.17
C ASN D 302 26.73 -4.63 -9.27
N ILE D 303 26.74 -4.89 -7.97
CA ILE D 303 25.96 -4.11 -7.01
C ILE D 303 26.71 -2.82 -6.72
N ILE D 304 26.06 -1.68 -6.97
CA ILE D 304 26.59 -0.37 -6.63
C ILE D 304 25.52 0.40 -5.87
N CYS D 305 24.65 -0.31 -5.16
CA CYS D 305 23.48 0.28 -4.53
C CYS D 305 23.56 0.14 -3.01
N GLY D 306 22.85 1.04 -2.32
CA GLY D 306 22.92 1.11 -0.88
C GLY D 306 22.17 -0.03 -0.19
N ILE D 307 22.56 -0.27 1.06
CA ILE D 307 21.95 -1.30 1.91
C ILE D 307 21.10 -0.61 2.97
N THR D 308 19.82 -0.96 3.03
CA THR D 308 18.89 -0.32 3.96
C THR D 308 18.63 -1.13 5.21
N SER D 309 18.56 -2.46 5.11
CA SER D 309 18.35 -3.32 6.26
C SER D 309 19.19 -4.58 6.16
N VAL D 310 19.78 -4.98 7.28
CA VAL D 310 20.48 -6.25 7.39
C VAL D 310 19.81 -7.07 8.50
N SER D 311 19.94 -8.39 8.39
CA SER D 311 19.48 -9.32 9.43
C SER D 311 20.14 -10.67 9.24
N PHE D 312 20.32 -11.38 10.34
CA PHE D 312 20.85 -12.74 10.34
C PHE D 312 19.71 -13.76 10.32
N SER D 313 20.08 -15.02 10.14
CA SER D 313 19.16 -16.13 10.24
C SER D 313 19.12 -16.63 11.69
N LYS D 314 18.47 -17.78 11.91
CA LYS D 314 18.36 -18.30 13.27
C LYS D 314 19.69 -18.92 13.72
N SER D 315 20.36 -19.64 12.82
CA SER D 315 21.69 -20.17 13.14
C SER D 315 22.79 -19.14 12.92
N GLY D 316 22.60 -18.25 11.95
CA GLY D 316 23.59 -17.26 11.61
C GLY D 316 24.47 -17.62 10.42
N ARG D 317 24.00 -18.51 9.55
CA ARG D 317 24.74 -18.87 8.34
C ARG D 317 24.33 -18.01 7.15
N LEU D 318 23.07 -17.58 7.10
CA LEU D 318 22.57 -16.74 6.03
C LEU D 318 22.49 -15.29 6.50
N LEU D 319 23.07 -14.39 5.71
CA LEU D 319 23.02 -12.95 5.98
C LEU D 319 22.09 -12.32 4.96
N LEU D 320 21.00 -11.73 5.43
CA LEU D 320 19.98 -11.16 4.55
C LEU D 320 20.21 -9.66 4.45
N ALA D 321 20.40 -9.17 3.23
CA ALA D 321 20.71 -7.76 2.99
C ALA D 321 19.69 -7.17 2.04
N GLY D 322 19.03 -6.09 2.48
CA GLY D 322 18.09 -5.38 1.65
C GLY D 322 18.74 -4.25 0.85
N TYR D 323 19.07 -4.53 -0.41
CA TYR D 323 19.78 -3.57 -1.23
C TYR D 323 18.81 -2.55 -1.84
N ASP D 324 19.36 -1.57 -2.54
CA ASP D 324 18.62 -0.46 -3.13
C ASP D 324 18.23 -0.74 -4.58
N ASP D 325 18.65 -1.88 -5.15
CA ASP D 325 18.30 -2.24 -6.52
C ASP D 325 17.05 -3.11 -6.62
N PHE D 326 16.07 -2.85 -5.74
CA PHE D 326 14.70 -3.38 -5.71
C PHE D 326 14.61 -4.84 -5.28
N ASN D 327 15.70 -5.47 -4.88
CA ASN D 327 15.64 -6.85 -4.43
C ASN D 327 16.64 -7.09 -3.31
N CYS D 328 16.38 -8.13 -2.52
CA CYS D 328 17.21 -8.52 -1.39
C CYS D 328 18.14 -9.67 -1.79
N ASN D 329 19.27 -9.76 -1.10
CA ASN D 329 20.24 -10.82 -1.36
C ASN D 329 20.50 -11.64 -0.11
N VAL D 330 20.64 -12.95 -0.31
CA VAL D 330 20.95 -13.91 0.73
C VAL D 330 22.41 -14.30 0.55
N TRP D 331 23.27 -13.81 1.43
CA TRP D 331 24.70 -14.09 1.41
C TRP D 331 25.02 -15.26 2.34
N ASP D 332 26.05 -16.01 1.99
CA ASP D 332 26.59 -17.05 2.86
C ASP D 332 27.63 -16.42 3.77
N ALA D 333 27.36 -16.43 5.08
CA ALA D 333 28.16 -15.67 6.02
C ALA D 333 29.56 -16.25 6.24
N LEU D 334 29.77 -17.53 5.91
CA LEU D 334 31.08 -18.13 6.07
C LEU D 334 31.88 -18.21 4.78
N LYS D 335 31.21 -18.24 3.63
CA LYS D 335 31.89 -18.40 2.35
C LYS D 335 31.96 -17.11 1.53
N ALA D 336 31.22 -16.08 1.93
CA ALA D 336 31.20 -14.75 1.29
C ALA D 336 30.83 -14.81 -0.20
N ASP D 337 29.87 -15.67 -0.54
CA ASP D 337 29.38 -15.77 -1.91
C ASP D 337 27.86 -15.67 -1.92
N ARG D 338 27.33 -15.01 -2.96
CA ARG D 338 25.91 -14.72 -3.07
C ARG D 338 25.13 -16.02 -3.26
N ALA D 339 24.38 -16.41 -2.23
CA ALA D 339 23.66 -17.69 -2.24
C ALA D 339 22.30 -17.60 -2.90
N GLY D 340 21.54 -16.54 -2.63
CA GLY D 340 20.20 -16.45 -3.16
C GLY D 340 19.74 -15.01 -3.34
N VAL D 341 18.56 -14.87 -3.95
CA VAL D 341 17.99 -13.57 -4.27
C VAL D 341 16.49 -13.60 -3.97
N LEU D 342 15.98 -12.51 -3.39
CA LEU D 342 14.57 -12.31 -3.11
C LEU D 342 14.11 -11.12 -3.95
N ALA D 343 13.43 -11.38 -5.06
CA ALA D 343 13.03 -10.34 -6.00
C ALA D 343 11.52 -10.38 -6.16
N GLY D 344 10.82 -9.59 -5.35
CA GLY D 344 9.37 -9.51 -5.45
C GLY D 344 8.80 -8.12 -5.33
N HIS D 345 9.65 -7.12 -5.10
CA HIS D 345 9.20 -5.77 -4.82
C HIS D 345 9.44 -4.87 -6.03
N ASP D 346 8.64 -3.81 -6.14
CA ASP D 346 8.73 -2.87 -7.24
C ASP D 346 9.57 -1.65 -6.90
N ASN D 347 9.64 -1.26 -5.63
CA ASN D 347 10.43 -0.13 -5.17
C ASN D 347 11.41 -0.63 -4.11
N ARG D 348 12.25 0.27 -3.60
CA ARG D 348 13.40 -0.12 -2.79
C ARG D 348 12.97 -0.69 -1.45
N VAL D 349 13.69 -1.74 -1.02
CA VAL D 349 13.37 -2.44 0.21
C VAL D 349 13.82 -1.60 1.40
N SER D 350 12.87 -1.27 2.28
CA SER D 350 13.15 -0.40 3.42
C SER D 350 13.41 -1.17 4.70
N CYS D 351 12.81 -2.33 4.89
CA CYS D 351 12.90 -3.01 6.18
C CYS D 351 12.77 -4.52 5.99
N LEU D 352 13.36 -5.26 6.91
CA LEU D 352 13.51 -6.71 6.78
C LEU D 352 13.60 -7.31 8.18
N GLY D 353 12.85 -8.38 8.42
CA GLY D 353 12.80 -8.97 9.75
C GLY D 353 12.71 -10.48 9.68
N VAL D 354 13.36 -11.12 10.65
CA VAL D 354 13.40 -12.56 10.79
C VAL D 354 12.82 -12.92 12.16
N THR D 355 11.98 -13.96 12.20
CA THR D 355 11.38 -14.41 13.44
C THR D 355 12.44 -15.03 14.36
N ASP D 356 12.02 -15.33 15.59
CA ASP D 356 12.97 -15.84 16.58
C ASP D 356 13.28 -17.31 16.33
N ASP D 357 12.28 -18.09 15.91
CA ASP D 357 12.53 -19.45 15.49
C ASP D 357 13.05 -19.54 14.05
N GLY D 358 13.08 -18.43 13.33
CA GLY D 358 13.65 -18.39 11.99
C GLY D 358 12.85 -19.12 10.94
N MET D 359 11.53 -19.03 11.00
CA MET D 359 10.67 -19.77 10.07
C MET D 359 10.46 -19.03 8.75
N ALA D 360 10.25 -17.72 8.79
CA ALA D 360 10.01 -16.95 7.57
C ALA D 360 10.63 -15.58 7.71
N VAL D 361 10.79 -14.90 6.57
CA VAL D 361 11.44 -13.59 6.51
C VAL D 361 10.46 -12.60 5.91
N ALA D 362 10.15 -11.53 6.65
CA ALA D 362 9.24 -10.51 6.16
C ALA D 362 10.02 -9.32 5.63
N THR D 363 9.68 -8.86 4.43
CA THR D 363 10.34 -7.73 3.79
C THR D 363 9.30 -6.67 3.46
N GLY D 364 9.54 -5.45 3.92
CA GLY D 364 8.74 -4.29 3.55
C GLY D 364 9.55 -3.34 2.68
N SER D 365 8.87 -2.78 1.68
CA SER D 365 9.49 -1.89 0.70
C SER D 365 8.58 -0.70 0.46
N TRP D 366 9.08 0.28 -0.30
CA TRP D 366 8.34 1.52 -0.51
C TRP D 366 7.17 1.39 -1.47
N ASP D 367 6.90 0.22 -2.05
CA ASP D 367 5.74 0.04 -2.90
C ASP D 367 4.49 -0.37 -2.12
N SER D 368 4.53 -0.25 -0.78
CA SER D 368 3.41 -0.53 0.12
C SER D 368 2.98 -2.00 0.08
N PHE D 369 3.94 -2.90 0.28
CA PHE D 369 3.65 -4.32 0.40
C PHE D 369 4.61 -4.95 1.40
N LEU D 370 4.05 -5.77 2.29
CA LEU D 370 4.83 -6.63 3.18
C LEU D 370 4.76 -8.05 2.63
N LYS D 371 5.90 -8.58 2.18
CA LYS D 371 5.94 -9.91 1.59
C LYS D 371 6.70 -10.85 2.52
N ILE D 372 6.10 -12.02 2.79
CA ILE D 372 6.64 -12.99 3.72
C ILE D 372 7.23 -14.14 2.90
N TRP D 373 8.55 -14.12 2.73
CA TRP D 373 9.26 -15.16 2.01
C TRP D 373 9.50 -16.36 2.93
N ASN D 374 9.35 -17.56 2.37
CA ASN D 374 9.70 -18.77 3.10
C ASN D 374 10.22 -19.80 2.10
N GLY D 375 11.03 -20.73 2.60
CA GLY D 375 11.66 -21.72 1.76
C GLY D 375 11.21 -23.13 2.07
N SER D 376 10.85 -23.89 1.04
CA SER D 376 10.40 -25.28 1.18
C SER D 376 11.20 -26.17 0.27
N SER D 377 11.03 -27.49 0.46
CA SER D 377 11.68 -28.49 -0.38
C SER D 377 10.65 -29.36 -1.08
N THR E 6 37.27 27.10 26.20
CA THR E 6 37.74 25.96 26.98
C THR E 6 37.00 24.69 26.59
N ALA E 7 36.12 24.80 25.60
CA ALA E 7 35.37 23.63 25.14
C ALA E 7 36.21 22.74 24.24
N SER E 8 37.13 23.33 23.47
CA SER E 8 37.95 22.53 22.56
C SER E 8 38.97 21.69 23.32
N ILE E 9 39.60 22.27 24.35
CA ILE E 9 40.56 21.52 25.15
C ILE E 9 39.86 20.45 25.97
N ALA E 10 38.63 20.72 26.42
CA ALA E 10 37.85 19.72 27.15
C ALA E 10 37.46 18.56 26.24
N GLN E 11 37.04 18.87 25.01
CA GLN E 11 36.69 17.81 24.06
C GLN E 11 37.91 16.99 23.66
N ALA E 12 39.07 17.66 23.54
CA ALA E 12 40.32 16.95 23.26
C ALA E 12 40.69 16.01 24.40
N ARG E 13 40.62 16.50 25.65
CA ARG E 13 40.86 15.65 26.82
C ARG E 13 39.91 14.47 26.88
N LYS E 14 38.62 14.70 26.58
CA LYS E 14 37.64 13.60 26.56
C LYS E 14 37.97 12.57 25.49
N LEU E 15 38.43 13.01 24.32
CA LEU E 15 38.79 12.06 23.27
C LEU E 15 40.07 11.30 23.61
N VAL E 16 41.00 11.96 24.32
CA VAL E 16 42.21 11.28 24.79
C VAL E 16 41.86 10.21 25.82
N GLU E 17 41.02 10.55 26.80
CA GLU E 17 40.56 9.57 27.79
C GLU E 17 39.78 8.43 27.13
N GLN E 18 39.01 8.73 26.09
CA GLN E 18 38.27 7.69 25.38
C GLN E 18 39.22 6.73 24.66
N LEU E 19 40.25 7.27 24.01
CA LEU E 19 41.23 6.41 23.35
C LEU E 19 42.07 5.63 24.35
N LYS E 20 42.33 6.20 25.54
CA LYS E 20 42.97 5.47 26.62
C LYS E 20 42.13 4.28 27.06
N MET E 21 40.82 4.50 27.25
CA MET E 21 39.91 3.41 27.61
C MET E 21 39.86 2.34 26.53
N GLU E 22 39.77 2.75 25.26
CA GLU E 22 39.64 1.79 24.17
C GLU E 22 40.92 1.03 23.91
N ALA E 23 42.09 1.64 24.16
CA ALA E 23 43.35 0.97 23.88
C ALA E 23 43.65 -0.13 24.89
N ASN E 24 43.37 0.12 26.18
CA ASN E 24 43.70 -0.83 27.24
C ASN E 24 42.57 -1.86 27.40
N ILE E 25 42.44 -2.72 26.41
CA ILE E 25 41.48 -3.82 26.44
C ILE E 25 42.19 -5.11 26.06
N ASP E 26 41.58 -6.23 26.46
CA ASP E 26 42.10 -7.55 26.15
C ASP E 26 41.48 -8.04 24.85
N ARG E 27 42.32 -8.39 23.88
CA ARG E 27 41.87 -8.76 22.54
C ARG E 27 42.21 -10.23 22.29
N ILE E 28 41.16 -11.03 22.08
CA ILE E 28 41.33 -12.45 21.75
C ILE E 28 41.74 -12.54 20.28
N LYS E 29 42.54 -13.56 19.96
CA LYS E 29 43.00 -13.77 18.59
C LYS E 29 41.84 -14.10 17.65
N VAL E 30 42.10 -13.93 16.35
CA VAL E 30 41.06 -14.09 15.34
C VAL E 30 40.73 -15.56 15.12
N SER E 31 41.73 -16.44 15.24
CA SER E 31 41.52 -17.87 15.01
C SER E 31 40.59 -18.49 16.05
N LYS E 32 40.78 -18.13 17.33
CA LYS E 32 39.97 -18.71 18.39
C LYS E 32 38.51 -18.29 18.30
N ALA E 33 38.25 -17.01 18.01
CA ALA E 33 36.86 -16.56 17.91
C ALA E 33 36.22 -17.00 16.60
N ALA E 34 37.03 -17.17 15.55
CA ALA E 34 36.52 -17.73 14.31
C ALA E 34 36.14 -19.20 14.50
N ALA E 35 36.96 -19.95 15.25
CA ALA E 35 36.62 -21.32 15.63
C ALA E 35 35.36 -21.37 16.46
N ASP E 36 35.19 -20.41 17.39
CA ASP E 36 33.97 -20.36 18.21
C ASP E 36 32.73 -20.09 17.37
N LEU E 37 32.84 -19.20 16.38
CA LEU E 37 31.70 -18.92 15.50
C LEU E 37 31.40 -20.10 14.59
N MET E 38 32.45 -20.77 14.10
CA MET E 38 32.30 -22.02 13.35
C MET E 38 31.59 -23.08 14.17
N ALA E 39 32.01 -23.27 15.42
CA ALA E 39 31.39 -24.23 16.32
C ALA E 39 29.93 -23.93 16.56
N TYR E 40 29.60 -22.66 16.81
CA TYR E 40 28.22 -22.26 17.06
C TYR E 40 27.34 -22.49 15.83
N CYS E 41 27.87 -22.17 14.64
CA CYS E 41 27.10 -22.30 13.41
C CYS E 41 27.01 -23.75 12.95
N GLU E 42 27.96 -24.59 13.34
CA GLU E 42 27.87 -26.02 13.03
C GLU E 42 26.94 -26.73 13.99
N ALA E 43 26.99 -26.37 15.28
CA ALA E 43 26.13 -27.00 16.28
C ALA E 43 24.66 -26.63 16.05
N HIS E 44 24.38 -25.39 15.69
CA HIS E 44 23.01 -24.94 15.51
C HIS E 44 22.54 -25.02 14.07
N ALA E 45 23.20 -25.83 13.23
CA ALA E 45 22.89 -25.88 11.80
C ALA E 45 21.63 -26.67 11.48
N LYS E 46 21.22 -27.58 12.35
CA LYS E 46 20.10 -28.46 12.06
C LYS E 46 18.75 -27.92 12.54
N GLU E 47 18.75 -26.85 13.34
CA GLU E 47 17.52 -26.26 13.84
C GLU E 47 17.15 -24.96 13.12
N ASP E 48 17.76 -24.70 11.97
CA ASP E 48 17.52 -23.46 11.24
C ASP E 48 16.58 -23.74 10.08
N PRO E 49 15.33 -23.26 10.12
CA PRO E 49 14.41 -23.50 8.99
C PRO E 49 14.82 -22.80 7.71
N LEU E 50 15.52 -21.65 7.80
CA LEU E 50 15.99 -20.98 6.61
C LEU E 50 17.13 -21.75 5.95
N LEU E 51 18.07 -22.25 6.76
CA LEU E 51 19.23 -22.96 6.22
C LEU E 51 18.83 -24.33 5.69
N THR E 52 17.97 -25.04 6.42
CA THR E 52 17.54 -26.38 6.07
C THR E 52 16.02 -26.38 5.88
N PRO E 53 15.52 -26.68 4.68
CA PRO E 53 14.08 -26.52 4.40
C PRO E 53 13.20 -27.46 5.22
N VAL E 54 11.97 -27.01 5.44
CA VAL E 54 11.02 -27.68 6.32
C VAL E 54 9.97 -28.37 5.46
N PRO E 55 9.54 -29.58 5.81
CA PRO E 55 8.42 -30.22 5.10
C PRO E 55 7.12 -29.47 5.31
N ALA E 56 6.23 -29.58 4.31
CA ALA E 56 5.00 -28.79 4.24
C ALA E 56 4.06 -29.07 5.40
N SER E 57 4.07 -30.29 5.93
CA SER E 57 3.22 -30.61 7.08
C SER E 57 3.73 -29.92 8.34
N GLU E 58 5.05 -29.87 8.53
CA GLU E 58 5.60 -29.16 9.68
C GLU E 58 5.55 -27.66 9.49
N ASN E 59 5.70 -27.18 8.27
CA ASN E 59 5.68 -25.75 7.95
C ASN E 59 4.28 -25.19 8.18
N PRO E 60 4.10 -24.25 9.11
CA PRO E 60 2.74 -23.72 9.34
C PRO E 60 2.24 -22.79 8.25
N PHE E 61 3.14 -22.11 7.53
CA PHE E 61 2.72 -21.18 6.49
C PHE E 61 2.12 -21.90 5.28
N ARG E 62 2.56 -23.12 5.00
CA ARG E 62 1.98 -23.87 3.89
C ARG E 62 0.75 -24.65 4.34
N VAL F 1 -15.98 0.75 32.93
CA VAL F 1 -16.86 -0.03 32.08
C VAL F 1 -18.18 -0.28 32.81
N GLN F 2 -19.29 0.17 32.21
CA GLN F 2 -20.62 0.04 32.80
C GLN F 2 -21.63 -0.35 31.74
N LEU F 3 -22.38 -1.42 32.03
CA LEU F 3 -23.55 -1.80 31.24
C LEU F 3 -24.76 -1.79 32.16
N VAL F 4 -25.80 -1.03 31.78
CA VAL F 4 -27.02 -0.92 32.57
C VAL F 4 -28.19 -1.37 31.72
N GLU F 5 -28.91 -2.40 32.16
CA GLU F 5 -30.07 -2.88 31.44
C GLU F 5 -31.33 -2.20 31.92
N SER F 6 -32.31 -2.08 31.03
CA SER F 6 -33.63 -1.57 31.38
C SER F 6 -34.67 -2.13 30.42
N GLY F 7 -35.93 -1.93 30.79
CA GLY F 7 -37.06 -2.38 29.99
C GLY F 7 -37.79 -3.59 30.52
N GLY F 8 -37.36 -4.12 31.67
CA GLY F 8 -38.01 -5.27 32.27
C GLY F 8 -39.29 -4.92 33.01
N GLY F 9 -39.92 -5.94 33.56
CA GLY F 9 -41.13 -5.76 34.33
C GLY F 9 -41.93 -7.05 34.36
N LEU F 10 -43.23 -6.91 34.63
CA LEU F 10 -44.20 -8.00 34.56
C LEU F 10 -45.17 -7.70 33.43
N VAL F 11 -45.32 -8.66 32.51
CA VAL F 11 -46.17 -8.50 31.34
C VAL F 11 -47.13 -9.66 31.21
N GLN F 12 -48.18 -9.44 30.41
CA GLN F 12 -49.08 -10.47 29.93
C GLN F 12 -48.45 -11.19 28.73
N PRO F 13 -48.82 -12.45 28.48
CA PRO F 13 -48.36 -13.13 27.28
C PRO F 13 -48.85 -12.45 25.99
N GLY F 14 -48.02 -12.53 24.96
CA GLY F 14 -48.31 -11.94 23.67
C GLY F 14 -47.93 -10.49 23.51
N GLY F 15 -47.49 -9.82 24.59
CA GLY F 15 -47.12 -8.42 24.51
C GLY F 15 -45.68 -8.20 24.09
N SER F 16 -45.38 -6.96 23.71
CA SER F 16 -44.06 -6.57 23.23
C SER F 16 -43.36 -5.72 24.29
N ARG F 17 -42.03 -5.74 24.25
CA ARG F 17 -41.19 -4.98 25.18
C ARG F 17 -39.87 -4.63 24.51
N LYS F 18 -39.53 -3.34 24.51
CA LYS F 18 -38.27 -2.86 23.97
C LYS F 18 -37.26 -2.76 25.12
N LEU F 19 -36.27 -3.65 25.12
CA LEU F 19 -35.20 -3.62 26.11
C LEU F 19 -34.06 -2.72 25.67
N SER F 20 -33.45 -2.03 26.62
CA SER F 20 -32.31 -1.17 26.37
C SER F 20 -31.12 -1.60 27.21
N CYS F 21 -29.93 -1.43 26.64
CA CYS F 21 -28.65 -1.65 27.31
C CYS F 21 -27.81 -0.40 27.11
N SER F 22 -27.54 0.32 28.19
CA SER F 22 -26.81 1.58 28.16
C SER F 22 -25.36 1.30 28.51
N ALA F 23 -24.46 1.58 27.56
CA ALA F 23 -23.04 1.31 27.69
C ALA F 23 -22.30 2.62 27.98
N SER F 24 -21.30 2.54 28.86
CA SER F 24 -20.45 3.69 29.11
C SER F 24 -19.06 3.22 29.54
N GLY F 25 -18.06 4.07 29.26
CA GLY F 25 -16.70 3.84 29.68
C GLY F 25 -15.86 2.95 28.79
N PHE F 26 -16.32 2.64 27.58
CA PHE F 26 -15.53 1.84 26.66
C PHE F 26 -15.97 2.13 25.23
N ALA F 27 -15.25 1.54 24.28
CA ALA F 27 -15.53 1.65 22.85
C ALA F 27 -16.63 0.65 22.48
N PHE F 28 -17.88 1.10 22.60
CA PHE F 28 -19.04 0.26 22.31
C PHE F 28 -19.06 -0.22 20.85
N SER F 29 -18.68 0.65 19.91
CA SER F 29 -18.86 0.35 18.49
C SER F 29 -17.86 -0.68 17.98
N SER F 30 -16.77 -0.91 18.69
CA SER F 30 -15.80 -1.93 18.32
C SER F 30 -16.13 -3.30 18.88
N PHE F 31 -17.16 -3.43 19.71
CA PHE F 31 -17.48 -4.66 20.40
C PHE F 31 -18.77 -5.27 19.86
N GLY F 32 -18.73 -6.56 19.53
CA GLY F 32 -19.94 -7.31 19.35
C GLY F 32 -20.71 -7.47 20.64
N MET F 33 -22.02 -7.67 20.52
CA MET F 33 -22.92 -7.63 21.67
C MET F 33 -23.76 -8.89 21.75
N HIS F 34 -23.97 -9.36 22.98
CA HIS F 34 -24.68 -10.59 23.31
C HIS F 34 -25.81 -10.35 24.29
N TRP F 35 -26.96 -10.97 24.02
CA TRP F 35 -28.01 -11.15 25.02
C TRP F 35 -27.98 -12.59 25.51
N VAL F 36 -27.92 -12.77 26.83
CA VAL F 36 -27.90 -14.08 27.49
C VAL F 36 -28.98 -14.11 28.58
N ARG F 37 -29.83 -15.14 28.58
CA ARG F 37 -30.93 -15.22 29.53
C ARG F 37 -30.71 -16.34 30.55
N GLN F 38 -30.95 -16.05 31.81
CA GLN F 38 -30.90 -17.03 32.88
C GLN F 38 -32.28 -17.20 33.50
N ALA F 39 -32.77 -18.43 33.53
CA ALA F 39 -34.03 -18.71 34.20
C ALA F 39 -33.81 -18.70 35.72
N PRO F 40 -34.87 -18.52 36.52
CA PRO F 40 -34.67 -18.46 37.99
C PRO F 40 -34.09 -19.72 38.62
N GLU F 41 -34.54 -20.90 38.22
CA GLU F 41 -34.00 -22.14 38.79
C GLU F 41 -33.22 -22.97 37.77
N LYS F 42 -32.87 -22.38 36.63
CA LYS F 42 -32.14 -23.09 35.58
C LYS F 42 -30.87 -22.33 35.23
N GLY F 43 -30.00 -23.00 34.46
CA GLY F 43 -28.75 -22.42 34.03
C GLY F 43 -28.89 -21.37 32.94
N LEU F 44 -27.77 -20.71 32.66
CA LEU F 44 -27.68 -19.65 31.66
C LEU F 44 -28.03 -20.19 30.27
N GLU F 45 -28.70 -19.35 29.47
CA GLU F 45 -29.10 -19.71 28.11
C GLU F 45 -28.84 -18.53 27.18
N TRP F 46 -28.05 -18.76 26.13
CA TRP F 46 -27.75 -17.73 25.15
C TRP F 46 -29.00 -17.32 24.37
N VAL F 47 -29.10 -16.03 24.06
CA VAL F 47 -30.19 -15.50 23.22
C VAL F 47 -29.67 -15.04 21.86
N ALA F 48 -28.79 -14.03 21.84
CA ALA F 48 -28.55 -13.38 20.56
C ALA F 48 -27.18 -12.73 20.51
N TYR F 49 -26.72 -12.48 19.27
CA TYR F 49 -25.45 -11.82 18.97
C TYR F 49 -25.61 -10.88 17.78
N ILE F 50 -25.04 -9.68 17.92
CA ILE F 50 -24.86 -8.75 16.82
C ILE F 50 -23.39 -8.36 16.73
N SER F 51 -22.84 -8.41 15.52
CA SER F 51 -21.44 -8.08 15.32
C SER F 51 -21.22 -6.57 15.44
N SER F 52 -19.94 -6.20 15.57
CA SER F 52 -19.54 -4.81 15.42
C SER F 52 -19.81 -4.33 13.99
N GLY F 53 -20.49 -3.20 13.86
CA GLY F 53 -20.87 -2.69 12.56
C GLY F 53 -22.19 -3.22 12.03
N SER F 54 -22.87 -4.09 12.79
CA SER F 54 -24.22 -4.60 12.54
C SER F 54 -24.33 -5.48 11.30
N GLY F 55 -23.21 -5.89 10.71
CA GLY F 55 -23.26 -6.66 9.47
C GLY F 55 -23.70 -8.10 9.64
N THR F 56 -23.59 -8.65 10.85
CA THR F 56 -23.77 -10.08 11.06
C THR F 56 -24.59 -10.30 12.32
N ILE F 57 -25.70 -11.03 12.21
CA ILE F 57 -26.68 -11.19 13.28
C ILE F 57 -26.97 -12.67 13.46
N TYR F 58 -26.94 -13.15 14.70
CA TYR F 58 -27.25 -14.54 15.03
C TYR F 58 -28.27 -14.62 16.15
N TYR F 59 -29.23 -15.53 15.99
CA TYR F 59 -30.26 -15.81 16.98
C TYR F 59 -30.21 -17.28 17.37
N ALA F 60 -30.78 -17.59 18.53
CA ALA F 60 -31.01 -18.97 18.91
C ALA F 60 -32.16 -19.56 18.09
N ASP F 61 -32.25 -20.89 18.10
CA ASP F 61 -33.26 -21.59 17.30
C ASP F 61 -34.67 -21.34 17.84
N THR F 62 -34.86 -21.52 19.15
CA THR F 62 -36.15 -21.25 19.78
C THR F 62 -36.50 -19.77 19.69
N VAL F 63 -35.50 -18.90 19.79
CA VAL F 63 -35.68 -17.45 19.85
C VAL F 63 -35.87 -16.83 18.47
N LYS F 64 -35.58 -17.58 17.39
CA LYS F 64 -35.62 -17.05 16.04
C LYS F 64 -37.04 -16.70 15.61
N GLY F 65 -37.19 -15.53 14.98
CA GLY F 65 -38.46 -15.08 14.45
C GLY F 65 -39.33 -14.27 15.38
N ARG F 66 -38.98 -14.18 16.68
CA ARG F 66 -39.78 -13.41 17.61
C ARG F 66 -39.05 -12.24 18.27
N PHE F 67 -37.72 -12.26 18.33
CA PHE F 67 -36.95 -11.20 18.96
C PHE F 67 -36.06 -10.54 17.92
N THR F 68 -35.96 -9.21 17.98
CA THR F 68 -35.16 -8.44 17.03
C THR F 68 -34.10 -7.64 17.78
N ILE F 69 -32.83 -8.02 17.59
CA ILE F 69 -31.70 -7.30 18.17
C ILE F 69 -31.30 -6.16 17.24
N SER F 70 -30.90 -5.02 17.82
CA SER F 70 -30.38 -3.90 17.07
C SER F 70 -29.44 -3.10 17.96
N ARG F 71 -28.66 -2.21 17.35
CA ARG F 71 -27.74 -1.39 18.13
C ARG F 71 -27.61 0.00 17.52
N ASP F 72 -27.47 0.99 18.39
CA ASP F 72 -27.29 2.39 18.02
C ASP F 72 -25.91 2.80 18.53
N ASP F 73 -24.94 2.81 17.60
CA ASP F 73 -23.55 3.13 17.96
C ASP F 73 -23.31 4.58 18.39
N PRO F 74 -23.84 5.63 17.73
CA PRO F 74 -23.62 6.99 18.27
C PRO F 74 -24.21 7.23 19.65
N LYS F 75 -25.30 6.55 20.01
CA LYS F 75 -25.86 6.69 21.35
C LYS F 75 -25.33 5.64 22.31
N ASN F 76 -24.51 4.71 21.81
CA ASN F 76 -23.89 3.62 22.57
C ASN F 76 -24.92 2.77 23.31
N THR F 77 -25.93 2.31 22.57
CA THR F 77 -27.06 1.64 23.20
C THR F 77 -27.40 0.38 22.41
N LEU F 78 -27.73 -0.69 23.13
CA LEU F 78 -28.18 -1.93 22.51
C LEU F 78 -29.67 -2.09 22.75
N PHE F 79 -30.42 -2.45 21.70
CA PHE F 79 -31.87 -2.58 21.79
C PHE F 79 -32.27 -4.01 21.48
N LEU F 80 -33.30 -4.48 22.18
CA LEU F 80 -33.87 -5.80 21.92
C LEU F 80 -35.40 -5.69 21.94
N GLN F 81 -36.00 -5.65 20.75
CA GLN F 81 -37.45 -5.65 20.64
C GLN F 81 -37.96 -7.08 20.81
N MET F 82 -38.80 -7.32 21.81
CA MET F 82 -39.37 -8.64 22.05
C MET F 82 -40.85 -8.64 21.70
N THR F 83 -41.26 -9.60 20.88
CA THR F 83 -42.66 -9.84 20.55
C THR F 83 -42.99 -11.29 20.86
N SER F 84 -44.30 -11.56 20.96
CA SER F 84 -44.88 -12.88 21.22
C SER F 84 -44.23 -13.58 22.43
N LEU F 85 -44.35 -12.94 23.59
CA LEU F 85 -43.70 -13.43 24.80
C LEU F 85 -44.50 -14.60 25.38
N ARG F 86 -43.86 -15.76 25.50
CA ARG F 86 -44.47 -16.93 26.11
C ARG F 86 -44.07 -17.02 27.59
N SER F 87 -44.54 -18.08 28.25
CA SER F 87 -44.23 -18.25 29.67
C SER F 87 -42.78 -18.62 29.91
N GLU F 88 -42.10 -19.21 28.93
CA GLU F 88 -40.71 -19.60 29.09
C GLU F 88 -39.75 -18.42 29.10
N ASP F 89 -40.21 -17.24 28.65
CA ASP F 89 -39.35 -16.05 28.55
C ASP F 89 -39.03 -15.41 29.89
N THR F 90 -39.73 -15.80 30.97
CA THR F 90 -39.53 -15.23 32.30
C THR F 90 -38.13 -15.50 32.81
N ALA F 91 -37.27 -14.48 32.83
CA ALA F 91 -35.85 -14.69 33.03
C ALA F 91 -35.15 -13.39 33.41
N MET F 92 -33.91 -13.55 33.88
CA MET F 92 -32.96 -12.46 34.03
C MET F 92 -32.17 -12.32 32.72
N TYR F 93 -32.22 -11.14 32.12
CA TYR F 93 -31.59 -10.87 30.84
C TYR F 93 -30.31 -10.10 31.08
N TYR F 94 -29.20 -10.59 30.51
CA TYR F 94 -27.89 -9.97 30.63
C TYR F 94 -27.40 -9.47 29.28
N CYS F 95 -26.84 -8.26 29.31
CA CYS F 95 -26.17 -7.62 28.18
C CYS F 95 -24.66 -7.85 28.33
N VAL F 96 -24.01 -8.31 27.26
CA VAL F 96 -22.61 -8.74 27.30
C VAL F 96 -21.87 -8.11 26.13
N ARG F 97 -20.66 -7.64 26.38
CA ARG F 97 -19.76 -7.14 25.34
C ARG F 97 -18.69 -8.20 25.05
N SER F 98 -18.26 -8.28 23.79
CA SER F 98 -17.29 -9.29 23.38
CA SER F 98 -17.29 -9.29 23.38
C SER F 98 -16.57 -8.81 22.13
N ILE F 99 -15.24 -8.90 22.14
CA ILE F 99 -14.41 -8.58 20.99
C ILE F 99 -13.65 -9.83 20.57
N TYR F 100 -13.55 -10.04 19.26
CA TYR F 100 -12.93 -11.25 18.71
C TYR F 100 -11.73 -10.86 17.87
N TYR F 101 -10.53 -11.11 18.39
CA TYR F 101 -9.29 -11.09 17.63
C TYR F 101 -8.30 -11.99 18.35
N TYR F 102 -7.12 -12.17 17.74
CA TYR F 102 -6.11 -13.07 18.29
C TYR F 102 -5.56 -12.53 19.61
N GLY F 103 -5.65 -13.33 20.67
CA GLY F 103 -5.19 -12.94 21.97
C GLY F 103 -6.21 -12.22 22.83
N SER F 104 -7.38 -11.90 22.28
CA SER F 104 -8.42 -11.22 23.02
C SER F 104 -9.02 -12.13 24.09
N SER F 105 -9.81 -11.53 24.98
CA SER F 105 -10.54 -12.26 26.02
C SER F 105 -12.02 -11.97 25.86
N PRO F 106 -12.74 -12.74 25.04
CA PRO F 106 -14.19 -12.55 24.91
C PRO F 106 -14.92 -12.91 26.20
N PHE F 107 -16.14 -12.39 26.32
CA PHE F 107 -17.04 -12.59 27.47
C PHE F 107 -16.38 -12.16 28.78
N ASP F 108 -15.69 -11.02 28.75
CA ASP F 108 -14.92 -10.54 29.89
C ASP F 108 -15.68 -9.54 30.76
N PHE F 109 -16.89 -9.16 30.39
CA PHE F 109 -17.68 -8.26 31.23
C PHE F 109 -19.15 -8.60 31.11
N TRP F 110 -19.80 -8.75 32.26
CA TRP F 110 -21.20 -9.15 32.38
C TRP F 110 -21.99 -8.01 32.99
N GLY F 111 -23.16 -7.74 32.42
CA GLY F 111 -24.04 -6.68 32.90
C GLY F 111 -24.63 -6.94 34.28
N GLN F 112 -25.60 -6.09 34.63
CA GLN F 112 -26.31 -6.26 35.89
C GLN F 112 -27.57 -7.09 35.77
N GLY F 113 -28.25 -7.04 34.63
CA GLY F 113 -29.41 -7.88 34.40
C GLY F 113 -30.74 -7.22 34.67
N THR F 114 -31.71 -7.48 33.80
CA THR F 114 -33.08 -7.01 33.98
C THR F 114 -34.02 -8.20 34.12
N THR F 115 -35.12 -8.02 34.85
CA THR F 115 -36.05 -9.10 35.13
C THR F 115 -37.29 -8.99 34.27
N LEU F 116 -37.54 -10.01 33.44
CA LEU F 116 -38.82 -10.13 32.74
C LEU F 116 -39.64 -11.23 33.39
N THR F 117 -40.93 -10.95 33.63
CA THR F 117 -41.83 -11.91 34.25
C THR F 117 -43.13 -11.96 33.44
N VAL F 118 -43.32 -13.03 32.68
CA VAL F 118 -44.55 -13.23 31.92
C VAL F 118 -45.53 -14.00 32.79
N SER F 119 -46.80 -13.60 32.77
CA SER F 119 -47.82 -14.22 33.61
C SER F 119 -48.32 -15.52 32.99
N SER F 135 -30.17 -32.32 18.47
CA SER F 135 -29.81 -32.75 17.14
C SER F 135 -28.43 -32.33 16.72
N ALA F 136 -28.37 -31.39 15.75
CA ALA F 136 -27.10 -30.85 15.29
C ALA F 136 -26.38 -30.03 16.35
N ASP F 137 -27.11 -29.50 17.33
CA ASP F 137 -26.52 -28.62 18.33
C ASP F 137 -25.64 -29.41 19.30
N ILE F 138 -24.47 -28.84 19.62
CA ILE F 138 -23.53 -29.48 20.54
C ILE F 138 -24.11 -29.47 21.94
N VAL F 139 -24.17 -30.65 22.56
CA VAL F 139 -24.74 -30.82 23.89
C VAL F 139 -23.62 -30.78 24.90
N MET F 140 -23.72 -29.89 25.88
CA MET F 140 -22.73 -29.73 26.93
C MET F 140 -23.26 -30.39 28.21
N THR F 141 -22.46 -31.24 28.82
CA THR F 141 -22.91 -32.10 29.91
C THR F 141 -21.95 -31.99 31.09
N GLN F 142 -22.49 -31.56 32.23
CA GLN F 142 -21.80 -31.64 33.52
C GLN F 142 -22.60 -32.62 34.39
N ALA F 143 -22.15 -33.87 34.41
CA ALA F 143 -22.89 -34.95 35.08
C ALA F 143 -22.96 -34.77 36.59
N THR F 144 -22.06 -33.98 37.18
CA THR F 144 -22.11 -33.68 38.60
C THR F 144 -22.74 -32.30 38.80
N SER F 145 -23.86 -32.26 39.52
CA SER F 145 -24.62 -31.03 39.67
C SER F 145 -24.10 -30.14 40.79
N SER F 146 -23.58 -30.73 41.87
CA SER F 146 -23.05 -29.95 42.98
C SER F 146 -21.95 -30.75 43.68
N VAL F 147 -21.06 -30.02 44.34
CA VAL F 147 -19.94 -30.59 45.09
C VAL F 147 -19.80 -29.83 46.40
N PRO F 148 -19.95 -30.47 47.56
CA PRO F 148 -19.67 -29.78 48.83
C PRO F 148 -18.17 -29.70 49.08
N VAL F 149 -17.69 -28.50 49.36
CA VAL F 149 -16.26 -28.23 49.47
C VAL F 149 -15.98 -27.58 50.82
N THR F 150 -14.70 -27.62 51.20
CA THR F 150 -14.17 -26.98 52.39
C THR F 150 -12.96 -26.13 52.00
N PRO F 151 -12.79 -24.96 52.61
CA PRO F 151 -11.69 -24.06 52.22
C PRO F 151 -10.32 -24.65 52.53
N GLY F 152 -9.38 -24.42 51.62
CA GLY F 152 -8.02 -24.93 51.73
C GLY F 152 -7.76 -26.19 50.92
N GLU F 153 -8.80 -26.88 50.46
CA GLU F 153 -8.63 -28.08 49.67
C GLU F 153 -8.41 -27.74 48.19
N SER F 154 -8.27 -28.78 47.37
CA SER F 154 -8.08 -28.64 45.94
C SER F 154 -9.21 -29.37 45.23
N VAL F 155 -9.92 -28.66 44.36
CA VAL F 155 -11.13 -29.17 43.73
C VAL F 155 -10.81 -29.44 42.26
N SER F 156 -11.51 -30.41 41.66
CA SER F 156 -11.40 -30.68 40.23
C SER F 156 -12.78 -31.04 39.70
N ILE F 157 -13.42 -30.07 39.04
CA ILE F 157 -14.75 -30.25 38.46
C ILE F 157 -14.57 -30.55 36.97
N SER F 158 -15.43 -31.39 36.41
CA SER F 158 -15.28 -31.82 35.03
C SER F 158 -16.46 -31.36 34.17
N CYS F 159 -16.19 -31.28 32.87
CA CYS F 159 -17.17 -30.96 31.84
C CYS F 159 -16.95 -31.89 30.67
N ARG F 160 -17.99 -32.08 29.86
CA ARG F 160 -17.91 -32.96 28.71
C ARG F 160 -18.77 -32.41 27.58
N SER F 161 -18.27 -32.56 26.36
CA SER F 161 -18.97 -32.12 25.15
C SER F 161 -19.29 -33.31 24.27
N SER F 162 -20.42 -33.23 23.57
CA SER F 162 -20.80 -34.29 22.63
C SER F 162 -19.95 -34.29 21.37
N LYS F 163 -19.29 -33.18 21.06
CA LYS F 163 -18.42 -33.06 19.91
C LYS F 163 -17.02 -32.66 20.38
N SER F 164 -16.00 -33.09 19.64
CA SER F 164 -14.65 -32.66 19.92
C SER F 164 -14.48 -31.18 19.63
N LEU F 165 -13.91 -30.45 20.59
CA LEU F 165 -13.77 -29.01 20.49
C LEU F 165 -12.38 -28.58 20.02
N LEU F 166 -11.52 -29.53 19.67
CA LEU F 166 -10.24 -29.20 19.07
C LEU F 166 -10.45 -28.84 17.61
N HIS F 167 -10.04 -27.63 17.23
CA HIS F 167 -10.13 -27.16 15.86
C HIS F 167 -8.76 -27.35 15.20
N SER F 168 -8.74 -27.30 13.86
CA SER F 168 -7.53 -27.50 13.08
C SER F 168 -6.46 -26.43 13.36
N ASN F 169 -6.86 -25.24 13.80
CA ASN F 169 -5.89 -24.18 14.08
C ASN F 169 -5.20 -24.35 15.44
N GLY F 170 -5.63 -25.31 16.25
CA GLY F 170 -5.00 -25.61 17.52
C GLY F 170 -5.73 -25.10 18.74
N ASN F 171 -6.65 -24.15 18.58
CA ASN F 171 -7.42 -23.65 19.70
C ASN F 171 -8.54 -24.62 20.07
N THR F 172 -8.87 -24.66 21.36
CA THR F 172 -10.02 -25.40 21.87
C THR F 172 -10.95 -24.42 22.55
N TYR F 173 -12.12 -24.19 21.95
CA TYR F 173 -13.00 -23.08 22.30
C TYR F 173 -13.87 -23.45 23.51
N LEU F 174 -13.23 -23.49 24.67
CA LEU F 174 -13.90 -23.80 25.93
C LEU F 174 -13.68 -22.66 26.93
N TYR F 175 -14.78 -22.13 27.46
CA TYR F 175 -14.71 -21.05 28.45
C TYR F 175 -15.30 -21.54 29.78
N TRP F 176 -14.63 -21.16 30.88
CA TRP F 176 -15.09 -21.43 32.24
C TRP F 176 -15.50 -20.13 32.90
N PHE F 177 -16.74 -20.08 33.39
CA PHE F 177 -17.36 -18.93 34.03
C PHE F 177 -17.70 -19.22 35.49
N LEU F 178 -17.77 -18.15 36.27
CA LEU F 178 -18.26 -18.16 37.64
C LEU F 178 -19.43 -17.20 37.81
N GLN F 179 -20.55 -17.70 38.31
CA GLN F 179 -21.67 -16.89 38.75
C GLN F 179 -21.73 -16.98 40.26
N ARG F 180 -21.33 -15.90 40.93
CA ARG F 180 -21.49 -15.82 42.37
C ARG F 180 -22.96 -15.60 42.71
N PRO F 181 -23.41 -16.05 43.89
CA PRO F 181 -24.83 -15.88 44.24
C PRO F 181 -25.18 -14.42 44.51
N GLY F 182 -26.22 -13.95 43.83
CA GLY F 182 -26.65 -12.57 43.94
C GLY F 182 -25.73 -11.56 43.28
N GLN F 183 -24.90 -12.00 42.34
CA GLN F 183 -24.02 -11.10 41.60
C GLN F 183 -23.94 -11.56 40.15
N SER F 184 -23.30 -10.73 39.33
CA SER F 184 -23.16 -10.98 37.91
C SER F 184 -22.21 -12.15 37.66
N PRO F 185 -22.36 -12.86 36.54
CA PRO F 185 -21.35 -13.86 36.14
C PRO F 185 -19.98 -13.22 35.91
N GLN F 186 -18.94 -14.05 36.01
CA GLN F 186 -17.58 -13.56 35.87
C GLN F 186 -16.73 -14.58 35.11
N LEU F 187 -15.95 -14.08 34.15
CA LEU F 187 -15.08 -14.94 33.35
C LEU F 187 -13.90 -15.43 34.17
N LEU F 188 -13.61 -16.71 34.08
CA LEU F 188 -12.47 -17.29 34.79
C LEU F 188 -11.39 -17.78 33.83
N ILE F 189 -11.73 -18.64 32.88
CA ILE F 189 -10.75 -19.26 31.99
C ILE F 189 -11.25 -19.12 30.56
N TYR F 190 -10.44 -18.52 29.69
CA TYR F 190 -10.81 -18.39 28.28
C TYR F 190 -9.83 -19.18 27.43
N ARG F 191 -10.37 -20.14 26.66
CA ARG F 191 -9.71 -21.01 25.66
C ARG F 191 -8.89 -22.12 26.29
N MET F 192 -9.08 -22.42 27.58
CA MET F 192 -8.54 -23.51 28.42
C MET F 192 -7.03 -23.44 28.62
N SER F 193 -6.37 -22.38 28.18
CA SER F 193 -4.94 -22.23 28.41
C SER F 193 -4.55 -20.83 28.84
N ASN F 194 -5.50 -19.92 29.04
CA ASN F 194 -5.20 -18.53 29.35
C ASN F 194 -5.97 -18.09 30.58
N LEU F 195 -5.28 -17.36 31.47
CA LEU F 195 -5.88 -16.82 32.68
C LEU F 195 -6.51 -15.46 32.38
N ALA F 196 -7.74 -15.27 32.83
CA ALA F 196 -8.45 -14.01 32.58
C ALA F 196 -7.86 -12.89 33.43
N SER F 197 -7.99 -11.66 32.92
CA SER F 197 -7.50 -10.47 33.62
C SER F 197 -8.22 -10.27 34.95
N GLY F 198 -7.44 -10.08 36.01
CA GLY F 198 -7.96 -9.85 37.33
C GLY F 198 -8.25 -11.10 38.13
N VAL F 199 -8.18 -12.27 37.52
CA VAL F 199 -8.42 -13.53 38.20
C VAL F 199 -7.11 -14.00 38.81
N PRO F 200 -7.09 -14.38 40.10
CA PRO F 200 -5.86 -14.90 40.70
C PRO F 200 -5.44 -16.24 40.09
N ASP F 201 -4.14 -16.51 40.17
CA ASP F 201 -3.52 -17.61 39.45
C ASP F 201 -3.69 -18.99 40.10
N ARG F 202 -4.57 -19.13 41.09
CA ARG F 202 -4.78 -20.42 41.71
C ARG F 202 -5.68 -21.33 40.88
N PHE F 203 -6.49 -20.78 39.97
CA PHE F 203 -7.32 -21.59 39.09
C PHE F 203 -6.47 -22.14 37.94
N SER F 204 -6.92 -23.27 37.40
CA SER F 204 -6.22 -23.85 36.25
C SER F 204 -7.17 -24.76 35.47
N GLY F 205 -6.92 -24.87 34.17
CA GLY F 205 -7.74 -25.70 33.29
C GLY F 205 -6.88 -26.73 32.58
N SER F 206 -7.43 -27.94 32.43
CA SER F 206 -6.71 -29.03 31.78
C SER F 206 -7.72 -30.03 31.23
N GLY F 207 -7.57 -30.40 29.96
CA GLY F 207 -8.51 -31.32 29.36
C GLY F 207 -7.97 -32.00 28.13
N SER F 208 -8.64 -33.09 27.76
CA SER F 208 -8.45 -33.74 26.48
C SER F 208 -9.45 -33.16 25.49
N GLY F 209 -9.62 -33.83 24.34
CA GLY F 209 -10.52 -33.32 23.31
C GLY F 209 -11.98 -33.28 23.73
N THR F 210 -12.41 -34.23 24.57
CA THR F 210 -13.82 -34.36 24.93
C THR F 210 -14.10 -34.24 26.42
N ALA F 211 -13.09 -34.29 27.29
CA ALA F 211 -13.29 -34.26 28.73
C ALA F 211 -12.37 -33.21 29.35
N PHE F 212 -12.96 -32.28 30.11
CA PHE F 212 -12.26 -31.09 30.56
C PHE F 212 -12.36 -31.00 32.08
N THR F 213 -11.40 -30.30 32.70
CA THR F 213 -11.31 -30.25 34.15
C THR F 213 -10.82 -28.88 34.60
N LEU F 214 -11.60 -28.25 35.46
CA LEU F 214 -11.24 -27.00 36.13
C LEU F 214 -10.77 -27.33 37.53
N THR F 215 -9.55 -26.91 37.87
CA THR F 215 -8.86 -27.30 39.09
C THR F 215 -8.61 -26.07 39.95
N ILE F 216 -9.09 -26.11 41.19
CA ILE F 216 -8.90 -25.07 42.19
C ILE F 216 -7.82 -25.53 43.15
N SER F 217 -6.87 -24.63 43.44
CA SER F 217 -5.88 -24.84 44.48
C SER F 217 -6.11 -23.80 45.58
N ARG F 218 -6.20 -24.26 46.83
CA ARG F 218 -6.39 -23.47 48.06
C ARG F 218 -7.60 -22.54 47.96
N LEU F 219 -8.77 -23.17 47.79
CA LEU F 219 -10.06 -22.49 47.69
C LEU F 219 -10.32 -21.59 48.89
N GLU F 220 -10.86 -20.40 48.61
CA GLU F 220 -11.10 -19.37 49.61
C GLU F 220 -12.59 -19.09 49.74
N ALA F 221 -12.92 -18.04 50.52
CA ALA F 221 -14.31 -17.68 50.79
C ALA F 221 -15.02 -17.23 49.52
N GLU F 222 -14.36 -16.41 48.70
CA GLU F 222 -14.99 -15.80 47.53
C GLU F 222 -15.16 -16.76 46.36
N ASP F 223 -14.73 -18.01 46.48
CA ASP F 223 -14.82 -18.99 45.41
C ASP F 223 -16.15 -19.75 45.42
N VAL F 224 -17.08 -19.37 46.28
CA VAL F 224 -18.38 -20.03 46.33
C VAL F 224 -19.27 -19.48 45.20
N GLY F 225 -19.89 -20.38 44.47
CA GLY F 225 -20.72 -19.99 43.34
C GLY F 225 -20.93 -21.17 42.40
N VAL F 226 -21.47 -20.84 41.23
CA VAL F 226 -21.78 -21.83 40.20
C VAL F 226 -20.76 -21.70 39.08
N TYR F 227 -20.16 -22.82 38.68
CA TYR F 227 -19.22 -22.87 37.57
C TYR F 227 -19.93 -23.35 36.31
N TYR F 228 -19.75 -22.62 35.22
CA TYR F 228 -20.26 -23.02 33.92
C TYR F 228 -19.11 -23.31 32.97
N CYS F 229 -19.24 -24.37 32.18
CA CYS F 229 -18.42 -24.57 31.00
C CYS F 229 -19.20 -24.16 29.76
N MET F 230 -18.47 -23.84 28.69
CA MET F 230 -19.12 -23.38 27.46
C MET F 230 -18.27 -23.75 26.26
N GLN F 231 -18.91 -24.32 25.23
CA GLN F 231 -18.30 -24.45 23.92
C GLN F 231 -18.52 -23.17 23.13
N HIS F 232 -17.50 -22.72 22.41
CA HIS F 232 -17.61 -21.62 21.47
C HIS F 232 -17.16 -22.06 20.08
N LEU F 233 -17.39 -23.34 19.75
CA LEU F 233 -16.91 -23.88 18.48
C LEU F 233 -17.79 -23.44 17.31
N GLU F 234 -19.11 -23.50 17.47
CA GLU F 234 -20.02 -23.13 16.41
C GLU F 234 -21.32 -22.60 17.01
N TYR F 235 -21.98 -21.73 16.25
CA TYR F 235 -23.27 -21.19 16.62
C TYR F 235 -24.40 -22.13 16.22
N PRO F 236 -25.48 -22.21 17.01
CA PRO F 236 -25.82 -21.49 18.24
C PRO F 236 -25.07 -21.99 19.49
N LEU F 237 -24.63 -21.04 20.31
CA LEU F 237 -23.93 -21.37 21.55
C LEU F 237 -24.83 -22.15 22.51
N THR F 238 -24.23 -23.11 23.20
CA THR F 238 -24.91 -23.95 24.17
C THR F 238 -24.05 -24.01 25.42
N PHE F 239 -24.69 -23.90 26.58
CA PHE F 239 -23.98 -23.68 27.82
C PHE F 239 -23.98 -24.95 28.66
N GLY F 240 -23.14 -24.96 29.70
CA GLY F 240 -23.14 -26.05 30.64
C GLY F 240 -24.33 -26.01 31.60
N ALA F 241 -24.60 -27.16 32.22
CA ALA F 241 -25.71 -27.25 33.15
C ALA F 241 -25.42 -26.57 34.47
N GLY F 242 -24.16 -26.33 34.79
CA GLY F 242 -23.79 -25.58 35.97
C GLY F 242 -23.47 -26.46 37.17
N THR F 243 -22.40 -26.13 37.88
CA THR F 243 -21.95 -26.91 39.03
C THR F 243 -21.80 -25.98 40.22
N LYS F 244 -22.70 -26.10 41.20
CA LYS F 244 -22.69 -25.22 42.36
C LYS F 244 -21.72 -25.76 43.40
N LEU F 245 -21.04 -24.86 44.11
CA LEU F 245 -20.16 -25.22 45.21
C LEU F 245 -20.85 -24.95 46.53
N GLU F 246 -21.12 -26.00 47.29
CA GLU F 246 -21.72 -25.88 48.62
C GLU F 246 -20.63 -25.74 49.67
N LEU F 247 -20.95 -25.01 50.73
CA LEU F 247 -20.01 -24.82 51.83
C LEU F 247 -20.11 -25.97 52.84
#